data_1U6O
# 
_entry.id   1U6O 
# 
_audit_conform.dict_name       mmcif_pdbx.dic 
_audit_conform.dict_version    5.392 
_audit_conform.dict_location   http://mmcif.pdb.org/dictionaries/ascii/mmcif_pdbx.dic 
# 
loop_
_database_2.database_id 
_database_2.database_code 
_database_2.pdbx_database_accession 
_database_2.pdbx_DOI 
PDB   1U6O         pdb_00001u6o 10.2210/pdb1u6o/pdb 
RCSB  RCSB023312   ?            ?                   
WWPDB D_1000023312 ?            ?                   
# 
loop_
_pdbx_audit_revision_history.ordinal 
_pdbx_audit_revision_history.data_content_type 
_pdbx_audit_revision_history.major_revision 
_pdbx_audit_revision_history.minor_revision 
_pdbx_audit_revision_history.revision_date 
1 'Structure model' 1 0 2004-08-10 
2 'Structure model' 1 1 2008-01-08 
3 'Structure model' 1 2 2011-07-13 
4 'Structure model' 1 3 2022-03-02 
5 'Structure model' 1 4 2024-05-22 
# 
_pdbx_audit_revision_details.ordinal             1 
_pdbx_audit_revision_details.revision_ordinal    1 
_pdbx_audit_revision_details.data_content_type   'Structure model' 
_pdbx_audit_revision_details.provider            repository 
_pdbx_audit_revision_details.type                'Initial release' 
_pdbx_audit_revision_details.description         ? 
_pdbx_audit_revision_details.details             ? 
# 
loop_
_pdbx_audit_revision_group.ordinal 
_pdbx_audit_revision_group.revision_ordinal 
_pdbx_audit_revision_group.data_content_type 
_pdbx_audit_revision_group.group 
1 2 'Structure model' 'Version format compliance' 
2 3 'Structure model' 'Version format compliance' 
3 4 'Structure model' 'Database references'       
4 4 'Structure model' 'Derived calculations'      
5 5 'Structure model' 'Data collection'           
# 
loop_
_pdbx_audit_revision_category.ordinal 
_pdbx_audit_revision_category.revision_ordinal 
_pdbx_audit_revision_category.data_content_type 
_pdbx_audit_revision_category.category 
1 4 'Structure model' database_2            
2 4 'Structure model' pdbx_struct_assembly  
3 4 'Structure model' pdbx_struct_oper_list 
4 4 'Structure model' struct_conn           
5 5 'Structure model' chem_comp_atom        
6 5 'Structure model' chem_comp_bond        
# 
loop_
_pdbx_audit_revision_item.ordinal 
_pdbx_audit_revision_item.revision_ordinal 
_pdbx_audit_revision_item.data_content_type 
_pdbx_audit_revision_item.item 
1  4 'Structure model' '_database_2.pdbx_DOI'                
2  4 'Structure model' '_database_2.pdbx_database_accession' 
3  4 'Structure model' '_struct_conn.pdbx_leaving_atom_flag' 
4  4 'Structure model' '_struct_conn.ptnr1_auth_asym_id'     
5  4 'Structure model' '_struct_conn.ptnr1_auth_comp_id'     
6  4 'Structure model' '_struct_conn.ptnr1_auth_seq_id'      
7  4 'Structure model' '_struct_conn.ptnr1_label_asym_id'    
8  4 'Structure model' '_struct_conn.ptnr1_label_atom_id'    
9  4 'Structure model' '_struct_conn.ptnr1_label_comp_id'    
10 4 'Structure model' '_struct_conn.ptnr2_auth_asym_id'     
11 4 'Structure model' '_struct_conn.ptnr2_auth_comp_id'     
12 4 'Structure model' '_struct_conn.ptnr2_auth_seq_id'      
13 4 'Structure model' '_struct_conn.ptnr2_label_asym_id'    
14 4 'Structure model' '_struct_conn.ptnr2_label_atom_id'    
15 4 'Structure model' '_struct_conn.ptnr2_label_comp_id'    
# 
_pdbx_database_status.status_code                     REL 
_pdbx_database_status.entry_id                        1U6O 
_pdbx_database_status.recvd_initial_deposition_date   2004-07-30 
_pdbx_database_status.deposit_site                    RCSB 
_pdbx_database_status.process_site                    RCSB 
_pdbx_database_status.status_code_sf                  ? 
_pdbx_database_status.status_code_mr                  ? 
_pdbx_database_status.SG_entry                        ? 
_pdbx_database_status.pdb_format_compatible           Y 
_pdbx_database_status.status_code_cs                  ? 
_pdbx_database_status.status_code_nmr_data            ? 
_pdbx_database_status.methods_development_category    ? 
# 
_pdbx_database_related.db_name        PDB 
_pdbx_database_related.db_id          1U6N 
_pdbx_database_related.details        . 
_pdbx_database_related.content_type   unspecified 
# 
loop_
_audit_author.name 
_audit_author.pdbx_ordinal 
'Scholdberg, T.A.' 1 
'Nechev, L.N.'     2 
'Merritt, W.K.'    3 
'Harris, T.M.'     4 
'Harris, C.M.'     5 
'Lloyd, R.S.'      6 
'Stone, M.P.'      7 
# 
_citation.id                        primary 
_citation.title                     
;Mispairing of a Site Specific Major Groove (2S,3S)-N6-(2,3,4-Trihydroxybutyl)-2'-deoxyadenosyl DNA Adduct of Butadiene Diol Epoxide with Deoxyguanosine: Formation of a dA(anti)dG(anti) Pairing Interaction.
;
_citation.journal_abbrev            CHEM.RES.TOXICOL. 
_citation.journal_volume            18 
_citation.page_first                145 
_citation.page_last                 153 
_citation.year                      2005 
_citation.journal_id_ASTM           CRTOEC 
_citation.country                   US 
_citation.journal_id_ISSN           0893-228X 
_citation.journal_id_CSD            2140 
_citation.book_publisher            ? 
_citation.pdbx_database_id_PubMed   15720118 
_citation.pdbx_database_id_DOI      10.1021/tx049772p 
# 
loop_
_citation_author.citation_id 
_citation_author.name 
_citation_author.ordinal 
_citation_author.identifier_ORCID 
primary 'Scholdberg, T.A.' 1 ? 
primary 'Nechev, L.V.'     2 ? 
primary 'Merritt, W.K.'    3 ? 
primary 'Harris, T.M.'     4 ? 
primary 'Harris, C.M.'     5 ? 
primary 'Lloyd, R.S.'      6 ? 
primary 'Stone, M.P.'      7 ? 
# 
loop_
_entity.id 
_entity.type 
_entity.src_method 
_entity.pdbx_description 
_entity.formula_weight 
_entity.pdbx_number_of_molecules 
_entity.pdbx_ec 
_entity.pdbx_mutation 
_entity.pdbx_fragment 
_entity.details 
1 polymer syn "5'-D(*CP*GP*GP*AP*CP*(2BU)P*AP*GP*AP*AP*G)-3'" 3520.367 1 ? ? ? ? 
2 polymer syn "5'-D(*CP*TP*TP*CP*TP*GP*GP*TP*CP*CP*G)-3'"     3316.158 1 ? ? ? ? 
# 
loop_
_entity_poly.entity_id 
_entity_poly.type 
_entity_poly.nstd_linkage 
_entity_poly.nstd_monomer 
_entity_poly.pdbx_seq_one_letter_code 
_entity_poly.pdbx_seq_one_letter_code_can 
_entity_poly.pdbx_strand_id 
_entity_poly.pdbx_target_identifier 
1 polydeoxyribonucleotide no yes '(DC)(DG)(DG)(DA)(DC)(2BU)(DA)(DG)(DA)(DA)(DG)' CGGACAAGAAG A ? 
2 polydeoxyribonucleotide no no  '(DC)(DT)(DT)(DC)(DT)(DG)(DG)(DT)(DC)(DC)(DG)'  CTTCTGGTCCG B ? 
# 
loop_
_entity_poly_seq.entity_id 
_entity_poly_seq.num 
_entity_poly_seq.mon_id 
_entity_poly_seq.hetero 
1 1  DC  n 
1 2  DG  n 
1 3  DG  n 
1 4  DA  n 
1 5  DC  n 
1 6  2BU n 
1 7  DA  n 
1 8  DG  n 
1 9  DA  n 
1 10 DA  n 
1 11 DG  n 
2 1  DC  n 
2 2  DT  n 
2 3  DT  n 
2 4  DC  n 
2 5  DT  n 
2 6  DG  n 
2 7  DG  n 
2 8  DT  n 
2 9  DC  n 
2 10 DC  n 
2 11 DG  n 
# 
loop_
_chem_comp.id 
_chem_comp.type 
_chem_comp.mon_nstd_flag 
_chem_comp.name 
_chem_comp.pdbx_synonyms 
_chem_comp.formula 
_chem_comp.formula_weight 
2BU 'DNA linking' n 
;(2S,3S)-N6-(2,3,4-TRIHYDROXYBUTYL)-2'-DEOXYADENOSINE MONO PHOSPHORIC ACID
;
? 'C14 H22 N5 O9 P' 435.326 
DA  'DNA linking' y "2'-DEOXYADENOSINE-5'-MONOPHOSPHATE"                                        ? 'C10 H14 N5 O6 P' 331.222 
DC  'DNA linking' y "2'-DEOXYCYTIDINE-5'-MONOPHOSPHATE"                                         ? 'C9 H14 N3 O7 P'  307.197 
DG  'DNA linking' y "2'-DEOXYGUANOSINE-5'-MONOPHOSPHATE"                                        ? 'C10 H14 N5 O7 P' 347.221 
DT  'DNA linking' y "THYMIDINE-5'-MONOPHOSPHATE"                                                ? 'C10 H15 N2 O8 P' 322.208 
# 
loop_
_pdbx_poly_seq_scheme.asym_id 
_pdbx_poly_seq_scheme.entity_id 
_pdbx_poly_seq_scheme.seq_id 
_pdbx_poly_seq_scheme.mon_id 
_pdbx_poly_seq_scheme.ndb_seq_num 
_pdbx_poly_seq_scheme.pdb_seq_num 
_pdbx_poly_seq_scheme.auth_seq_num 
_pdbx_poly_seq_scheme.pdb_mon_id 
_pdbx_poly_seq_scheme.auth_mon_id 
_pdbx_poly_seq_scheme.pdb_strand_id 
_pdbx_poly_seq_scheme.pdb_ins_code 
_pdbx_poly_seq_scheme.hetero 
A 1 1  DC  1  1  1  DC  C   A . n 
A 1 2  DG  2  2  2  DG  G   A . n 
A 1 3  DG  3  3  3  DG  G   A . n 
A 1 4  DA  4  4  4  DA  A   A . n 
A 1 5  DC  5  5  5  DC  C   A . n 
A 1 6  2BU 6  6  6  2BU ABU A . n 
A 1 7  DA  7  7  7  DA  A   A . n 
A 1 8  DG  8  8  8  DG  G   A . n 
A 1 9  DA  9  9  9  DA  A   A . n 
A 1 10 DA  10 10 10 DA  A   A . n 
A 1 11 DG  11 11 11 DG  G   A . n 
B 2 1  DC  1  12 12 DC  C   B . n 
B 2 2  DT  2  13 13 DT  T   B . n 
B 2 3  DT  3  14 14 DT  T   B . n 
B 2 4  DC  4  15 15 DC  C   B . n 
B 2 5  DT  5  16 16 DT  T   B . n 
B 2 6  DG  6  17 17 DG  G   B . n 
B 2 7  DG  7  18 18 DG  G   B . n 
B 2 8  DT  8  19 19 DT  T   B . n 
B 2 9  DC  9  20 20 DC  C   B . n 
B 2 10 DC  10 21 21 DC  C   B . n 
B 2 11 DG  11 22 22 DG  G   B . n 
# 
_exptl.entry_id          1U6O 
_exptl.method            'SOLUTION NMR' 
_exptl.crystals_number   ? 
# 
_exptl_crystal.id                    1 
_exptl_crystal.density_meas          ? 
_exptl_crystal.density_Matthews      ? 
_exptl_crystal.density_percent_sol   ? 
_exptl_crystal.description           ? 
_exptl_crystal.F_000                 ? 
_exptl_crystal.preparation           ? 
# 
_diffrn.id                     1 
_diffrn.ambient_temp           ? 
_diffrn.ambient_temp_details   ? 
_diffrn.crystal_id             1 
# 
_diffrn_radiation.diffrn_id                        1 
_diffrn_radiation.wavelength_id                    1 
_diffrn_radiation.pdbx_monochromatic_or_laue_m_l   M 
_diffrn_radiation.monochromator                    ? 
_diffrn_radiation.pdbx_diffrn_protocol             'SINGLE WAVELENGTH' 
_diffrn_radiation.pdbx_scattering_type             ? 
# 
_diffrn_radiation_wavelength.id           1 
_diffrn_radiation_wavelength.wavelength   . 
_diffrn_radiation_wavelength.wt           1.0 
# 
_struct.entry_id                  1U6O 
_struct.title                     
;Mispairing of a Site-Specific Major Groove (2S,3S)-N6-(2,3,4-Trihydroxybutyl)-2-deoxyadenosyl DNA Adduct of Butadiene Diol Epoxide with Deoxyguanosine: Formation of a dA(anti)dG(anti) Pairing Interaction
;
_struct.pdbx_model_details        ? 
_struct.pdbx_CASP_flag            ? 
_struct.pdbx_model_type_details   'minimized average' 
# 
_struct_keywords.entry_id        1U6O 
_struct_keywords.pdbx_keywords   DNA 
_struct_keywords.text            'butadiene, mismatch, Ras61, deoxyadenosyl, diol epoxide, DNA' 
# 
loop_
_struct_asym.id 
_struct_asym.pdbx_blank_PDB_chainid_flag 
_struct_asym.pdbx_modified 
_struct_asym.entity_id 
_struct_asym.details 
A N N 1 ? 
B N N 2 ? 
# 
loop_
_struct_ref.id 
_struct_ref.entity_id 
_struct_ref.db_name 
_struct_ref.db_code 
_struct_ref.pdbx_db_accession 
_struct_ref.pdbx_db_isoform 
_struct_ref.pdbx_seq_one_letter_code 
_struct_ref.pdbx_align_begin 
1 1 PDB 1U6O 1U6O ? ? ? 
2 2 PDB 1U6O 1U6O ? ? ? 
# 
loop_
_struct_ref_seq.align_id 
_struct_ref_seq.ref_id 
_struct_ref_seq.pdbx_PDB_id_code 
_struct_ref_seq.pdbx_strand_id 
_struct_ref_seq.seq_align_beg 
_struct_ref_seq.pdbx_seq_align_beg_ins_code 
_struct_ref_seq.seq_align_end 
_struct_ref_seq.pdbx_seq_align_end_ins_code 
_struct_ref_seq.pdbx_db_accession 
_struct_ref_seq.db_align_beg 
_struct_ref_seq.pdbx_db_align_beg_ins_code 
_struct_ref_seq.db_align_end 
_struct_ref_seq.pdbx_db_align_end_ins_code 
_struct_ref_seq.pdbx_auth_seq_align_beg 
_struct_ref_seq.pdbx_auth_seq_align_end 
1 1 1U6O A 1 ? 11 ? 1U6O 1  ? 11 ? 1  11 
2 2 1U6O B 1 ? 11 ? 1U6O 12 ? 22 ? 12 22 
# 
_pdbx_struct_assembly.id                   1 
_pdbx_struct_assembly.details              author_defined_assembly 
_pdbx_struct_assembly.method_details       ? 
_pdbx_struct_assembly.oligomeric_details   dimeric 
_pdbx_struct_assembly.oligomeric_count     2 
# 
_pdbx_struct_assembly_gen.assembly_id       1 
_pdbx_struct_assembly_gen.oper_expression   1 
_pdbx_struct_assembly_gen.asym_id_list      A,B 
# 
_pdbx_struct_oper_list.id                   1 
_pdbx_struct_oper_list.type                 'identity operation' 
_pdbx_struct_oper_list.name                 1_555 
_pdbx_struct_oper_list.symmetry_operation   x,y,z 
_pdbx_struct_oper_list.matrix[1][1]         1.0000000000 
_pdbx_struct_oper_list.matrix[1][2]         0.0000000000 
_pdbx_struct_oper_list.matrix[1][3]         0.0000000000 
_pdbx_struct_oper_list.vector[1]            0.0000000000 
_pdbx_struct_oper_list.matrix[2][1]         0.0000000000 
_pdbx_struct_oper_list.matrix[2][2]         1.0000000000 
_pdbx_struct_oper_list.matrix[2][3]         0.0000000000 
_pdbx_struct_oper_list.vector[2]            0.0000000000 
_pdbx_struct_oper_list.matrix[3][1]         0.0000000000 
_pdbx_struct_oper_list.matrix[3][2]         0.0000000000 
_pdbx_struct_oper_list.matrix[3][3]         1.0000000000 
_pdbx_struct_oper_list.vector[3]            0.0000000000 
# 
_struct_biol.id   1 
# 
loop_
_struct_conn.id 
_struct_conn.conn_type_id 
_struct_conn.pdbx_leaving_atom_flag 
_struct_conn.pdbx_PDB_id 
_struct_conn.ptnr1_label_asym_id 
_struct_conn.ptnr1_label_comp_id 
_struct_conn.ptnr1_label_seq_id 
_struct_conn.ptnr1_label_atom_id 
_struct_conn.pdbx_ptnr1_label_alt_id 
_struct_conn.pdbx_ptnr1_PDB_ins_code 
_struct_conn.pdbx_ptnr1_standard_comp_id 
_struct_conn.ptnr1_symmetry 
_struct_conn.ptnr2_label_asym_id 
_struct_conn.ptnr2_label_comp_id 
_struct_conn.ptnr2_label_seq_id 
_struct_conn.ptnr2_label_atom_id 
_struct_conn.pdbx_ptnr2_label_alt_id 
_struct_conn.pdbx_ptnr2_PDB_ins_code 
_struct_conn.ptnr1_auth_asym_id 
_struct_conn.ptnr1_auth_comp_id 
_struct_conn.ptnr1_auth_seq_id 
_struct_conn.ptnr2_auth_asym_id 
_struct_conn.ptnr2_auth_comp_id 
_struct_conn.ptnr2_auth_seq_id 
_struct_conn.ptnr2_symmetry 
_struct_conn.pdbx_ptnr3_label_atom_id 
_struct_conn.pdbx_ptnr3_label_seq_id 
_struct_conn.pdbx_ptnr3_label_comp_id 
_struct_conn.pdbx_ptnr3_label_asym_id 
_struct_conn.pdbx_ptnr3_label_alt_id 
_struct_conn.pdbx_ptnr3_PDB_ins_code 
_struct_conn.details 
_struct_conn.pdbx_dist_value 
_struct_conn.pdbx_value_order 
_struct_conn.pdbx_role 
covale1  covale both ? A DC  5  "O3'" ? ? ? 1_555 A 2BU 6  P  ? ? A DC  5  A 2BU 6  1_555 ? ? ? ? ? ? ?                1.613 ? ? 
covale2  covale both ? A 2BU 6  "O3'" ? ? ? 1_555 A DA  7  P  ? ? A 2BU 6  A DA  7  1_555 ? ? ? ? ? ? ?                1.625 ? ? 
covale3  covale none ? A 2BU 6  N1    ? ? ? 1_555 B DG  6  N1 ? ? A 2BU 6  B DG  17 1_555 ? ? ? ? ? ? ?                1.898 ? ? 
covale4  covale none ? A 2BU 6  N1    ? ? ? 1_555 B DG  6  O6 ? ? A 2BU 6  B DG  17 1_555 ? ? ? ? ? ? ?                2.002 ? ? 
covale5  covale none ? A 2BU 6  C2    ? ? ? 1_555 B DG  6  N1 ? ? A 2BU 6  B DG  17 1_555 ? ? ? ? ? ? ?                1.773 ? ? 
hydrog1  hydrog ?    ? A DG  2  N1    ? ? ? 1_555 B DC  10 N3 ? ? A DG  2  B DC  21 1_555 ? ? ? ? ? ? WATSON-CRICK     ?     ? ? 
hydrog2  hydrog ?    ? A DG  2  N2    ? ? ? 1_555 B DC  10 O2 ? ? A DG  2  B DC  21 1_555 ? ? ? ? ? ? WATSON-CRICK     ?     ? ? 
hydrog3  hydrog ?    ? A DG  2  O6    ? ? ? 1_555 B DC  10 N4 ? ? A DG  2  B DC  21 1_555 ? ? ? ? ? ? WATSON-CRICK     ?     ? ? 
hydrog4  hydrog ?    ? A DG  3  N1    ? ? ? 1_555 B DT  8  O4 ? ? A DG  3  B DT  19 1_555 ? ? ? ? ? ? 'DG-DT MISPAIR'  ?     ? ? 
hydrog5  hydrog ?    ? A DG  3  N1    ? ? ? 1_555 B DC  9  N3 ? ? A DG  3  B DC  20 1_555 ? ? ? ? ? ? WATSON-CRICK     ?     ? ? 
hydrog6  hydrog ?    ? A DG  3  N2    ? ? ? 1_555 B DC  9  O2 ? ? A DG  3  B DC  20 1_555 ? ? ? ? ? ? WATSON-CRICK     ?     ? ? 
hydrog7  hydrog ?    ? A DG  3  O6    ? ? ? 1_555 B DC  9  N4 ? ? A DG  3  B DC  20 1_555 ? ? ? ? ? ? WATSON-CRICK     ?     ? ? 
hydrog8  hydrog ?    ? A DA  4  N1    ? ? ? 1_555 B DT  8  N3 ? ? A DA  4  B DT  19 1_555 ? ? ? ? ? ? WATSON-CRICK     ?     ? ? 
hydrog9  hydrog ?    ? A DA  4  N6    ? ? ? 1_555 B DT  8  O4 ? ? A DA  4  B DT  19 1_555 ? ? ? ? ? ? WATSON-CRICK     ?     ? ? 
hydrog10 hydrog ?    ? A DC  5  N3    ? ? ? 1_555 B DG  7  N1 ? ? A DC  5  B DG  18 1_555 ? ? ? ? ? ? WATSON-CRICK     ?     ? ? 
hydrog11 hydrog ?    ? A DC  5  N4    ? ? ? 1_555 B DG  7  O6 ? ? A DC  5  B DG  18 1_555 ? ? ? ? ? ? WATSON-CRICK     ?     ? ? 
hydrog12 hydrog ?    ? A DC  5  O2    ? ? ? 1_555 B DG  7  N2 ? ? A DC  5  B DG  18 1_555 ? ? ? ? ? ? WATSON-CRICK     ?     ? ? 
hydrog13 hydrog ?    ? A 2BU 6  N6    ? ? ? 1_555 B DG  6  O6 ? ? A 2BU 6  B DG  17 1_555 ? ? ? ? ? ? '2BU-DG MISPAIR' ?     ? ? 
hydrog14 hydrog ?    ? A DA  7  N1    ? ? ? 1_555 B DT  5  N3 ? ? A DA  7  B DT  16 1_555 ? ? ? ? ? ? WATSON-CRICK     ?     ? ? 
hydrog15 hydrog ?    ? A DA  7  N6    ? ? ? 1_555 B DT  5  O4 ? ? A DA  7  B DT  16 1_555 ? ? ? ? ? ? WATSON-CRICK     ?     ? ? 
hydrog16 hydrog ?    ? A DG  8  N1    ? ? ? 1_555 B DC  4  N3 ? ? A DG  8  B DC  15 1_555 ? ? ? ? ? ? WATSON-CRICK     ?     ? ? 
hydrog17 hydrog ?    ? A DG  8  N2    ? ? ? 1_555 B DC  4  O2 ? ? A DG  8  B DC  15 1_555 ? ? ? ? ? ? WATSON-CRICK     ?     ? ? 
hydrog18 hydrog ?    ? A DG  8  O6    ? ? ? 1_555 B DC  4  N4 ? ? A DG  8  B DC  15 1_555 ? ? ? ? ? ? WATSON-CRICK     ?     ? ? 
hydrog19 hydrog ?    ? A DA  9  N1    ? ? ? 1_555 B DT  3  N3 ? ? A DA  9  B DT  14 1_555 ? ? ? ? ? ? WATSON-CRICK     ?     ? ? 
hydrog20 hydrog ?    ? A DA  9  N6    ? ? ? 1_555 B DT  3  O4 ? ? A DA  9  B DT  14 1_555 ? ? ? ? ? ? WATSON-CRICK     ?     ? ? 
hydrog21 hydrog ?    ? A DA  10 N1    ? ? ? 1_555 B DT  2  N3 ? ? A DA  10 B DT  13 1_555 ? ? ? ? ? ? WATSON-CRICK     ?     ? ? 
hydrog22 hydrog ?    ? A DA  10 N6    ? ? ? 1_555 B DT  2  O4 ? ? A DA  10 B DT  13 1_555 ? ? ? ? ? ? WATSON-CRICK     ?     ? ? 
hydrog23 hydrog ?    ? A DG  11 N1    ? ? ? 1_555 B DC  1  N3 ? ? A DG  11 B DC  12 1_555 ? ? ? ? ? ? WATSON-CRICK     ?     ? ? 
hydrog24 hydrog ?    ? A DG  11 N2    ? ? ? 1_555 B DC  1  O2 ? ? A DG  11 B DC  12 1_555 ? ? ? ? ? ? WATSON-CRICK     ?     ? ? 
hydrog25 hydrog ?    ? A DG  11 O6    ? ? ? 1_555 B DC  1  N4 ? ? A DG  11 B DC  12 1_555 ? ? ? ? ? ? WATSON-CRICK     ?     ? ? 
# 
loop_
_struct_conn_type.id 
_struct_conn_type.criteria 
_struct_conn_type.reference 
covale ? ? 
hydrog ? ? 
# 
loop_
_pdbx_validate_close_contact.id 
_pdbx_validate_close_contact.PDB_model_num 
_pdbx_validate_close_contact.auth_atom_id_1 
_pdbx_validate_close_contact.auth_asym_id_1 
_pdbx_validate_close_contact.auth_comp_id_1 
_pdbx_validate_close_contact.auth_seq_id_1 
_pdbx_validate_close_contact.PDB_ins_code_1 
_pdbx_validate_close_contact.label_alt_id_1 
_pdbx_validate_close_contact.auth_atom_id_2 
_pdbx_validate_close_contact.auth_asym_id_2 
_pdbx_validate_close_contact.auth_comp_id_2 
_pdbx_validate_close_contact.auth_seq_id_2 
_pdbx_validate_close_contact.PDB_ins_code_2 
_pdbx_validate_close_contact.label_alt_id_2 
_pdbx_validate_close_contact.dist 
1 1 C2 A 2BU 6 ? ? H1  B DG 17 ? ? 0.81 
2 1 H2 A 2BU 6 ? ? H1  B DG 17 ? ? 0.98 
3 1 N1 A 2BU 6 ? ? H1  B DG 17 ? ? 1.18 
4 1 H2 A 2BU 6 ? ? N1  B DG 17 ? ? 1.27 
5 1 H2 A 2BU 6 ? ? H21 B DG 17 ? ? 1.33 
6 1 H2 A 2BU 6 ? ? C2  B DG 17 ? ? 1.54 
7 1 H2 A 2BU 6 ? ? N2  B DG 17 ? ? 1.57 
# 
loop_
_pdbx_validate_rmsd_angle.id 
_pdbx_validate_rmsd_angle.PDB_model_num 
_pdbx_validate_rmsd_angle.auth_atom_id_1 
_pdbx_validate_rmsd_angle.auth_asym_id_1 
_pdbx_validate_rmsd_angle.auth_comp_id_1 
_pdbx_validate_rmsd_angle.auth_seq_id_1 
_pdbx_validate_rmsd_angle.PDB_ins_code_1 
_pdbx_validate_rmsd_angle.label_alt_id_1 
_pdbx_validate_rmsd_angle.auth_atom_id_2 
_pdbx_validate_rmsd_angle.auth_asym_id_2 
_pdbx_validate_rmsd_angle.auth_comp_id_2 
_pdbx_validate_rmsd_angle.auth_seq_id_2 
_pdbx_validate_rmsd_angle.PDB_ins_code_2 
_pdbx_validate_rmsd_angle.label_alt_id_2 
_pdbx_validate_rmsd_angle.auth_atom_id_3 
_pdbx_validate_rmsd_angle.auth_asym_id_3 
_pdbx_validate_rmsd_angle.auth_comp_id_3 
_pdbx_validate_rmsd_angle.auth_seq_id_3 
_pdbx_validate_rmsd_angle.PDB_ins_code_3 
_pdbx_validate_rmsd_angle.label_alt_id_3 
_pdbx_validate_rmsd_angle.angle_value 
_pdbx_validate_rmsd_angle.angle_target_value 
_pdbx_validate_rmsd_angle.angle_deviation 
_pdbx_validate_rmsd_angle.angle_standard_deviation 
_pdbx_validate_rmsd_angle.linker_flag 
1  1 "O4'" A DC 1  ? ? "C1'" A DC 1  ? ? N1 A DC 1  ? ? 110.37 108.30 2.07  0.30 N 
2  1 "O4'" A DG 2  ? ? "C1'" A DG 2  ? ? N9 A DG 2  ? ? 110.82 108.30 2.52  0.30 N 
3  1 N7    A DG 2  ? ? C8    A DG 2  ? ? N9 A DG 2  ? ? 118.02 113.10 4.92  0.50 N 
4  1 C8    A DG 2  ? ? N9    A DG 2  ? ? C4 A DG 2  ? ? 103.83 106.40 -2.57 0.40 N 
5  1 "O4'" A DG 3  ? ? "C1'" A DG 3  ? ? N9 A DG 3  ? ? 110.70 108.30 2.40  0.30 N 
6  1 N7    A DG 3  ? ? C8    A DG 3  ? ? N9 A DG 3  ? ? 117.67 113.10 4.57  0.50 N 
7  1 C8    A DG 3  ? ? N9    A DG 3  ? ? C4 A DG 3  ? ? 103.89 106.40 -2.51 0.40 N 
8  1 N7    A DA 4  ? ? C8    A DA 4  ? ? N9 A DA 4  ? ? 117.94 113.80 4.14  0.50 N 
9  1 "O4'" A DC 5  ? ? "C1'" A DC 5  ? ? N1 A DC 5  ? ? 111.25 108.30 2.95  0.30 N 
10 1 "O4'" A DA 7  ? ? "C1'" A DA 7  ? ? N9 A DA 7  ? ? 110.68 108.30 2.38  0.30 N 
11 1 N7    A DA 7  ? ? C8    A DA 7  ? ? N9 A DA 7  ? ? 117.72 113.80 3.92  0.50 N 
12 1 "O4'" A DG 8  ? ? "C1'" A DG 8  ? ? N9 A DG 8  ? ? 110.86 108.30 2.56  0.30 N 
13 1 N7    A DG 8  ? ? C8    A DG 8  ? ? N9 A DG 8  ? ? 117.81 113.10 4.71  0.50 N 
14 1 C8    A DG 8  ? ? N9    A DG 8  ? ? C4 A DG 8  ? ? 103.96 106.40 -2.44 0.40 N 
15 1 N7    A DA 9  ? ? C8    A DA 9  ? ? N9 A DA 9  ? ? 117.46 113.80 3.66  0.50 N 
16 1 "O4'" A DA 10 ? ? "C1'" A DA 10 ? ? N9 A DA 10 ? ? 110.24 108.30 1.94  0.30 N 
17 1 N7    A DA 10 ? ? C8    A DA 10 ? ? N9 A DA 10 ? ? 117.46 113.80 3.66  0.50 N 
18 1 "O4'" A DG 11 ? ? "C1'" A DG 11 ? ? N9 A DG 11 ? ? 110.45 108.30 2.15  0.30 N 
19 1 N7    A DG 11 ? ? C8    A DG 11 ? ? N9 A DG 11 ? ? 117.85 113.10 4.75  0.50 N 
20 1 C8    A DG 11 ? ? N9    A DG 11 ? ? C4 A DG 11 ? ? 103.81 106.40 -2.59 0.40 N 
21 1 "O4'" B DC 12 ? ? "C1'" B DC 12 ? ? N1 B DC 12 ? ? 110.76 108.30 2.46  0.30 N 
22 1 "O4'" B DT 13 ? ? "C1'" B DT 13 ? ? N1 B DT 13 ? ? 110.82 108.30 2.52  0.30 N 
23 1 "O4'" B DT 14 ? ? "C1'" B DT 14 ? ? N1 B DT 14 ? ? 111.63 108.30 3.33  0.30 N 
24 1 "O4'" B DC 15 ? ? "C1'" B DC 15 ? ? N1 B DC 15 ? ? 110.79 108.30 2.49  0.30 N 
25 1 "O4'" B DT 16 ? ? "C1'" B DT 16 ? ? N1 B DT 16 ? ? 111.30 108.30 3.00  0.30 N 
26 1 "O4'" B DG 17 ? ? "C1'" B DG 17 ? ? N9 B DG 17 ? ? 110.47 108.30 2.17  0.30 N 
27 1 N7    B DG 17 ? ? C8    B DG 17 ? ? N9 B DG 17 ? ? 117.81 113.10 4.71  0.50 N 
28 1 C8    B DG 17 ? ? N9    B DG 17 ? ? C4 B DG 17 ? ? 103.81 106.40 -2.59 0.40 N 
29 1 "O4'" B DG 18 ? ? "C1'" B DG 18 ? ? N9 B DG 18 ? ? 111.55 108.30 3.25  0.30 N 
30 1 N7    B DG 18 ? ? C8    B DG 18 ? ? N9 B DG 18 ? ? 117.57 113.10 4.47  0.50 N 
31 1 C8    B DG 18 ? ? N9    B DG 18 ? ? C4 B DG 18 ? ? 103.79 106.40 -2.61 0.40 N 
32 1 "O4'" B DT 19 ? ? "C1'" B DT 19 ? ? N1 B DT 19 ? ? 110.19 108.30 1.89  0.30 N 
33 1 "O4'" B DC 20 ? ? "C1'" B DC 20 ? ? N1 B DC 20 ? ? 111.54 108.30 3.24  0.30 N 
34 1 "O4'" B DC 21 ? ? "C1'" B DC 21 ? ? N1 B DC 21 ? ? 110.96 108.30 2.66  0.30 N 
35 1 "O4'" B DG 22 ? ? "C1'" B DG 22 ? ? N9 B DG 22 ? ? 110.29 108.30 1.99  0.30 N 
36 1 N7    B DG 22 ? ? C8    B DG 22 ? ? N9 B DG 22 ? ? 117.86 113.10 4.76  0.50 N 
37 1 C8    B DG 22 ? ? N9    B DG 22 ? ? C4 B DG 22 ? ? 103.95 106.40 -2.45 0.40 N 
# 
_pdbx_validate_polymer_linkage.id               1 
_pdbx_validate_polymer_linkage.PDB_model_num    1 
_pdbx_validate_polymer_linkage.auth_atom_id_1   "O3'" 
_pdbx_validate_polymer_linkage.auth_asym_id_1   A 
_pdbx_validate_polymer_linkage.auth_comp_id_1   DG 
_pdbx_validate_polymer_linkage.auth_seq_id_1    8 
_pdbx_validate_polymer_linkage.PDB_ins_code_1   ? 
_pdbx_validate_polymer_linkage.label_alt_id_1   ? 
_pdbx_validate_polymer_linkage.auth_atom_id_2   P 
_pdbx_validate_polymer_linkage.auth_asym_id_2   A 
_pdbx_validate_polymer_linkage.auth_comp_id_2   DA 
_pdbx_validate_polymer_linkage.auth_seq_id_2    9 
_pdbx_validate_polymer_linkage.PDB_ins_code_2   ? 
_pdbx_validate_polymer_linkage.label_alt_id_2   ? 
_pdbx_validate_polymer_linkage.dist             3.46 
# 
_pdbx_struct_mod_residue.id               1 
_pdbx_struct_mod_residue.label_asym_id    A 
_pdbx_struct_mod_residue.label_comp_id    2BU 
_pdbx_struct_mod_residue.label_seq_id     6 
_pdbx_struct_mod_residue.auth_asym_id     A 
_pdbx_struct_mod_residue.auth_comp_id     2BU 
_pdbx_struct_mod_residue.auth_seq_id      6 
_pdbx_struct_mod_residue.PDB_ins_code     ? 
_pdbx_struct_mod_residue.parent_comp_id   DA 
_pdbx_struct_mod_residue.details          ? 
# 
_pdbx_database_remark.id     999 
_pdbx_database_remark.text   
;SEQUENCE
Residue (A G 8 ) and Residue (A A 9 ) are not linked.
Distance of O3*-P bond is 3.46 
;
# 
_pdbx_nmr_ensemble.entry_id                             1U6O 
_pdbx_nmr_ensemble.conformers_calculated_total_number   ? 
_pdbx_nmr_ensemble.conformers_submitted_total_number    1 
_pdbx_nmr_ensemble.conformer_selection_criteria         ? 
# 
_pdbx_nmr_representative.entry_id             1U6O 
_pdbx_nmr_representative.conformer_id         ? 
_pdbx_nmr_representative.selection_criteria   'minimized average structure' 
# 
_pdbx_nmr_exptl.experiment_id   1 
_pdbx_nmr_exptl.solution_id     1 
_pdbx_nmr_exptl.conditions_id   1 
_pdbx_nmr_exptl.type            '2D NOESY' 
# 
_pdbx_nmr_refine.entry_id           1U6O 
_pdbx_nmr_refine.method             
;distance geometry 
simulated annealing, molecular dynamics, matrix relaxation, torsion angle dynamics
;
_pdbx_nmr_refine.details            ? 
_pdbx_nmr_refine.software_ordinal   1 
# 
loop_
_chem_comp_atom.comp_id 
_chem_comp_atom.atom_id 
_chem_comp_atom.type_symbol 
_chem_comp_atom.pdbx_aromatic_flag 
_chem_comp_atom.pdbx_stereo_config 
_chem_comp_atom.pdbx_ordinal 
2BU P      P N N 1   
2BU OP1    O N N 2   
2BU OP2    O N N 3   
2BU OP3    O N N 4   
2BU "O5'"  O N N 5   
2BU "C5'"  C N N 6   
2BU "C4'"  C N R 7   
2BU "O4'"  O N N 8   
2BU "C1'"  C N R 9   
2BU N9     N Y N 10  
2BU C4     C Y N 11  
2BU N3     N Y N 12  
2BU C2     C Y N 13  
2BU N1     N Y N 14  
2BU C6     C Y N 15  
2BU N6     N N N 16  
2BU CB1    C N N 17  
2BU CB2    C N R 18  
2BU OH2    O N N 19  
2BU CB3    C N S 20  
2BU OH3    O N N 21  
2BU CB4    C N N 22  
2BU OH4    O N N 23  
2BU C5     C Y N 24  
2BU N7     N Y N 25  
2BU C8     C Y N 26  
2BU "C2'"  C N N 27  
2BU "C3'"  C N S 28  
2BU "O3'"  O N N 29  
2BU HOP2   H N N 30  
2BU HOP3   H N N 31  
2BU "H5'"  H N N 32  
2BU "H5''" H N N 33  
2BU "H4'"  H N N 34  
2BU "H1'"  H N N 35  
2BU H2     H N N 36  
2BU H6     H N N 37  
2BU HB12   H N N 38  
2BU HB11   H N N 39  
2BU HB2    H N N 40  
2BU HO2    H N N 41  
2BU HB3    H N N 42  
2BU HO3    H N N 43  
2BU HB41   H N N 44  
2BU HB42   H N N 45  
2BU HO4    H N N 46  
2BU H8     H N N 47  
2BU "H2'"  H N N 48  
2BU "H2''" H N N 49  
2BU "H3'"  H N N 50  
2BU "HO3'" H N N 51  
DA  OP3    O N N 52  
DA  P      P N N 53  
DA  OP1    O N N 54  
DA  OP2    O N N 55  
DA  "O5'"  O N N 56  
DA  "C5'"  C N N 57  
DA  "C4'"  C N R 58  
DA  "O4'"  O N N 59  
DA  "C3'"  C N S 60  
DA  "O3'"  O N N 61  
DA  "C2'"  C N N 62  
DA  "C1'"  C N R 63  
DA  N9     N Y N 64  
DA  C8     C Y N 65  
DA  N7     N Y N 66  
DA  C5     C Y N 67  
DA  C6     C Y N 68  
DA  N6     N N N 69  
DA  N1     N Y N 70  
DA  C2     C Y N 71  
DA  N3     N Y N 72  
DA  C4     C Y N 73  
DA  HOP3   H N N 74  
DA  HOP2   H N N 75  
DA  "H5'"  H N N 76  
DA  "H5''" H N N 77  
DA  "H4'"  H N N 78  
DA  "H3'"  H N N 79  
DA  "HO3'" H N N 80  
DA  "H2'"  H N N 81  
DA  "H2''" H N N 82  
DA  "H1'"  H N N 83  
DA  H8     H N N 84  
DA  H61    H N N 85  
DA  H62    H N N 86  
DA  H2     H N N 87  
DC  OP3    O N N 88  
DC  P      P N N 89  
DC  OP1    O N N 90  
DC  OP2    O N N 91  
DC  "O5'"  O N N 92  
DC  "C5'"  C N N 93  
DC  "C4'"  C N R 94  
DC  "O4'"  O N N 95  
DC  "C3'"  C N S 96  
DC  "O3'"  O N N 97  
DC  "C2'"  C N N 98  
DC  "C1'"  C N R 99  
DC  N1     N N N 100 
DC  C2     C N N 101 
DC  O2     O N N 102 
DC  N3     N N N 103 
DC  C4     C N N 104 
DC  N4     N N N 105 
DC  C5     C N N 106 
DC  C6     C N N 107 
DC  HOP3   H N N 108 
DC  HOP2   H N N 109 
DC  "H5'"  H N N 110 
DC  "H5''" H N N 111 
DC  "H4'"  H N N 112 
DC  "H3'"  H N N 113 
DC  "HO3'" H N N 114 
DC  "H2'"  H N N 115 
DC  "H2''" H N N 116 
DC  "H1'"  H N N 117 
DC  H41    H N N 118 
DC  H42    H N N 119 
DC  H5     H N N 120 
DC  H6     H N N 121 
DG  OP3    O N N 122 
DG  P      P N N 123 
DG  OP1    O N N 124 
DG  OP2    O N N 125 
DG  "O5'"  O N N 126 
DG  "C5'"  C N N 127 
DG  "C4'"  C N R 128 
DG  "O4'"  O N N 129 
DG  "C3'"  C N S 130 
DG  "O3'"  O N N 131 
DG  "C2'"  C N N 132 
DG  "C1'"  C N R 133 
DG  N9     N Y N 134 
DG  C8     C Y N 135 
DG  N7     N Y N 136 
DG  C5     C Y N 137 
DG  C6     C N N 138 
DG  O6     O N N 139 
DG  N1     N N N 140 
DG  C2     C N N 141 
DG  N2     N N N 142 
DG  N3     N N N 143 
DG  C4     C Y N 144 
DG  HOP3   H N N 145 
DG  HOP2   H N N 146 
DG  "H5'"  H N N 147 
DG  "H5''" H N N 148 
DG  "H4'"  H N N 149 
DG  "H3'"  H N N 150 
DG  "HO3'" H N N 151 
DG  "H2'"  H N N 152 
DG  "H2''" H N N 153 
DG  "H1'"  H N N 154 
DG  H8     H N N 155 
DG  H1     H N N 156 
DG  H21    H N N 157 
DG  H22    H N N 158 
DT  OP3    O N N 159 
DT  P      P N N 160 
DT  OP1    O N N 161 
DT  OP2    O N N 162 
DT  "O5'"  O N N 163 
DT  "C5'"  C N N 164 
DT  "C4'"  C N R 165 
DT  "O4'"  O N N 166 
DT  "C3'"  C N S 167 
DT  "O3'"  O N N 168 
DT  "C2'"  C N N 169 
DT  "C1'"  C N R 170 
DT  N1     N N N 171 
DT  C2     C N N 172 
DT  O2     O N N 173 
DT  N3     N N N 174 
DT  C4     C N N 175 
DT  O4     O N N 176 
DT  C5     C N N 177 
DT  C7     C N N 178 
DT  C6     C N N 179 
DT  HOP3   H N N 180 
DT  HOP2   H N N 181 
DT  "H5'"  H N N 182 
DT  "H5''" H N N 183 
DT  "H4'"  H N N 184 
DT  "H3'"  H N N 185 
DT  "HO3'" H N N 186 
DT  "H2'"  H N N 187 
DT  "H2''" H N N 188 
DT  "H1'"  H N N 189 
DT  H3     H N N 190 
DT  H71    H N N 191 
DT  H72    H N N 192 
DT  H73    H N N 193 
DT  H6     H N N 194 
# 
loop_
_chem_comp_bond.comp_id 
_chem_comp_bond.atom_id_1 
_chem_comp_bond.atom_id_2 
_chem_comp_bond.value_order 
_chem_comp_bond.pdbx_aromatic_flag 
_chem_comp_bond.pdbx_stereo_config 
_chem_comp_bond.pdbx_ordinal 
2BU P     OP1    doub N N 1   
2BU P     OP2    sing N N 2   
2BU P     OP3    sing N N 3   
2BU P     "O5'"  sing N N 4   
2BU OP2   HOP2   sing N N 5   
2BU OP3   HOP3   sing N N 6   
2BU "O5'" "C5'"  sing N N 7   
2BU "C5'" "C4'"  sing N N 8   
2BU "C5'" "H5'"  sing N N 9   
2BU "C5'" "H5''" sing N N 10  
2BU "C4'" "O4'"  sing N N 11  
2BU "C4'" "C3'"  sing N N 12  
2BU "C4'" "H4'"  sing N N 13  
2BU "O4'" "C1'"  sing N N 14  
2BU "C1'" N9     sing N N 15  
2BU "C1'" "C2'"  sing N N 16  
2BU "C1'" "H1'"  sing N N 17  
2BU N9    C4     sing Y N 18  
2BU N9    C8     sing Y N 19  
2BU C4    N3     sing Y N 20  
2BU C4    C5     doub Y N 21  
2BU N3    C2     doub Y N 22  
2BU C2    N1     sing Y N 23  
2BU C2    H2     sing N N 24  
2BU N1    C6     doub Y N 25  
2BU C6    N6     sing N N 26  
2BU C6    C5     sing Y N 27  
2BU N6    CB1    sing N N 28  
2BU N6    H6     sing N N 29  
2BU CB1   CB2    sing N N 30  
2BU CB1   HB12   sing N N 31  
2BU CB1   HB11   sing N N 32  
2BU CB2   OH2    sing N N 33  
2BU CB2   CB3    sing N N 34  
2BU CB2   HB2    sing N N 35  
2BU OH2   HO2    sing N N 36  
2BU CB3   OH3    sing N N 37  
2BU CB3   CB4    sing N N 38  
2BU CB3   HB3    sing N N 39  
2BU OH3   HO3    sing N N 40  
2BU CB4   OH4    sing N N 41  
2BU CB4   HB41   sing N N 42  
2BU CB4   HB42   sing N N 43  
2BU OH4   HO4    sing N N 44  
2BU C5    N7     sing Y N 45  
2BU N7    C8     doub Y N 46  
2BU C8    H8     sing N N 47  
2BU "C2'" "C3'"  sing N N 48  
2BU "C2'" "H2'"  sing N N 49  
2BU "C2'" "H2''" sing N N 50  
2BU "C3'" "O3'"  sing N N 51  
2BU "C3'" "H3'"  sing N N 52  
2BU "O3'" "HO3'" sing N N 53  
DA  OP3   P      sing N N 54  
DA  OP3   HOP3   sing N N 55  
DA  P     OP1    doub N N 56  
DA  P     OP2    sing N N 57  
DA  P     "O5'"  sing N N 58  
DA  OP2   HOP2   sing N N 59  
DA  "O5'" "C5'"  sing N N 60  
DA  "C5'" "C4'"  sing N N 61  
DA  "C5'" "H5'"  sing N N 62  
DA  "C5'" "H5''" sing N N 63  
DA  "C4'" "O4'"  sing N N 64  
DA  "C4'" "C3'"  sing N N 65  
DA  "C4'" "H4'"  sing N N 66  
DA  "O4'" "C1'"  sing N N 67  
DA  "C3'" "O3'"  sing N N 68  
DA  "C3'" "C2'"  sing N N 69  
DA  "C3'" "H3'"  sing N N 70  
DA  "O3'" "HO3'" sing N N 71  
DA  "C2'" "C1'"  sing N N 72  
DA  "C2'" "H2'"  sing N N 73  
DA  "C2'" "H2''" sing N N 74  
DA  "C1'" N9     sing N N 75  
DA  "C1'" "H1'"  sing N N 76  
DA  N9    C8     sing Y N 77  
DA  N9    C4     sing Y N 78  
DA  C8    N7     doub Y N 79  
DA  C8    H8     sing N N 80  
DA  N7    C5     sing Y N 81  
DA  C5    C6     sing Y N 82  
DA  C5    C4     doub Y N 83  
DA  C6    N6     sing N N 84  
DA  C6    N1     doub Y N 85  
DA  N6    H61    sing N N 86  
DA  N6    H62    sing N N 87  
DA  N1    C2     sing Y N 88  
DA  C2    N3     doub Y N 89  
DA  C2    H2     sing N N 90  
DA  N3    C4     sing Y N 91  
DC  OP3   P      sing N N 92  
DC  OP3   HOP3   sing N N 93  
DC  P     OP1    doub N N 94  
DC  P     OP2    sing N N 95  
DC  P     "O5'"  sing N N 96  
DC  OP2   HOP2   sing N N 97  
DC  "O5'" "C5'"  sing N N 98  
DC  "C5'" "C4'"  sing N N 99  
DC  "C5'" "H5'"  sing N N 100 
DC  "C5'" "H5''" sing N N 101 
DC  "C4'" "O4'"  sing N N 102 
DC  "C4'" "C3'"  sing N N 103 
DC  "C4'" "H4'"  sing N N 104 
DC  "O4'" "C1'"  sing N N 105 
DC  "C3'" "O3'"  sing N N 106 
DC  "C3'" "C2'"  sing N N 107 
DC  "C3'" "H3'"  sing N N 108 
DC  "O3'" "HO3'" sing N N 109 
DC  "C2'" "C1'"  sing N N 110 
DC  "C2'" "H2'"  sing N N 111 
DC  "C2'" "H2''" sing N N 112 
DC  "C1'" N1     sing N N 113 
DC  "C1'" "H1'"  sing N N 114 
DC  N1    C2     sing N N 115 
DC  N1    C6     sing N N 116 
DC  C2    O2     doub N N 117 
DC  C2    N3     sing N N 118 
DC  N3    C4     doub N N 119 
DC  C4    N4     sing N N 120 
DC  C4    C5     sing N N 121 
DC  N4    H41    sing N N 122 
DC  N4    H42    sing N N 123 
DC  C5    C6     doub N N 124 
DC  C5    H5     sing N N 125 
DC  C6    H6     sing N N 126 
DG  OP3   P      sing N N 127 
DG  OP3   HOP3   sing N N 128 
DG  P     OP1    doub N N 129 
DG  P     OP2    sing N N 130 
DG  P     "O5'"  sing N N 131 
DG  OP2   HOP2   sing N N 132 
DG  "O5'" "C5'"  sing N N 133 
DG  "C5'" "C4'"  sing N N 134 
DG  "C5'" "H5'"  sing N N 135 
DG  "C5'" "H5''" sing N N 136 
DG  "C4'" "O4'"  sing N N 137 
DG  "C4'" "C3'"  sing N N 138 
DG  "C4'" "H4'"  sing N N 139 
DG  "O4'" "C1'"  sing N N 140 
DG  "C3'" "O3'"  sing N N 141 
DG  "C3'" "C2'"  sing N N 142 
DG  "C3'" "H3'"  sing N N 143 
DG  "O3'" "HO3'" sing N N 144 
DG  "C2'" "C1'"  sing N N 145 
DG  "C2'" "H2'"  sing N N 146 
DG  "C2'" "H2''" sing N N 147 
DG  "C1'" N9     sing N N 148 
DG  "C1'" "H1'"  sing N N 149 
DG  N9    C8     sing Y N 150 
DG  N9    C4     sing Y N 151 
DG  C8    N7     doub Y N 152 
DG  C8    H8     sing N N 153 
DG  N7    C5     sing Y N 154 
DG  C5    C6     sing N N 155 
DG  C5    C4     doub Y N 156 
DG  C6    O6     doub N N 157 
DG  C6    N1     sing N N 158 
DG  N1    C2     sing N N 159 
DG  N1    H1     sing N N 160 
DG  C2    N2     sing N N 161 
DG  C2    N3     doub N N 162 
DG  N2    H21    sing N N 163 
DG  N2    H22    sing N N 164 
DG  N3    C4     sing N N 165 
DT  OP3   P      sing N N 166 
DT  OP3   HOP3   sing N N 167 
DT  P     OP1    doub N N 168 
DT  P     OP2    sing N N 169 
DT  P     "O5'"  sing N N 170 
DT  OP2   HOP2   sing N N 171 
DT  "O5'" "C5'"  sing N N 172 
DT  "C5'" "C4'"  sing N N 173 
DT  "C5'" "H5'"  sing N N 174 
DT  "C5'" "H5''" sing N N 175 
DT  "C4'" "O4'"  sing N N 176 
DT  "C4'" "C3'"  sing N N 177 
DT  "C4'" "H4'"  sing N N 178 
DT  "O4'" "C1'"  sing N N 179 
DT  "C3'" "O3'"  sing N N 180 
DT  "C3'" "C2'"  sing N N 181 
DT  "C3'" "H3'"  sing N N 182 
DT  "O3'" "HO3'" sing N N 183 
DT  "C2'" "C1'"  sing N N 184 
DT  "C2'" "H2'"  sing N N 185 
DT  "C2'" "H2''" sing N N 186 
DT  "C1'" N1     sing N N 187 
DT  "C1'" "H1'"  sing N N 188 
DT  N1    C2     sing N N 189 
DT  N1    C6     sing N N 190 
DT  C2    O2     doub N N 191 
DT  C2    N3     sing N N 192 
DT  N3    C4     sing N N 193 
DT  N3    H3     sing N N 194 
DT  C4    O4     doub N N 195 
DT  C4    C5     sing N N 196 
DT  C5    C7     sing N N 197 
DT  C5    C6     doub N N 198 
DT  C7    H71    sing N N 199 
DT  C7    H72    sing N N 200 
DT  C7    H73    sing N N 201 
DT  C6    H6     sing N N 202 
# 
loop_
_ndb_struct_conf_na.entry_id 
_ndb_struct_conf_na.feature 
1U6O 'double helix'         
1U6O 'b-form double helix'  
1U6O 'mismatched base pair' 
# 
loop_
_ndb_struct_na_base_pair.model_number 
_ndb_struct_na_base_pair.i_label_asym_id 
_ndb_struct_na_base_pair.i_label_comp_id 
_ndb_struct_na_base_pair.i_label_seq_id 
_ndb_struct_na_base_pair.i_symmetry 
_ndb_struct_na_base_pair.j_label_asym_id 
_ndb_struct_na_base_pair.j_label_comp_id 
_ndb_struct_na_base_pair.j_label_seq_id 
_ndb_struct_na_base_pair.j_symmetry 
_ndb_struct_na_base_pair.shear 
_ndb_struct_na_base_pair.stretch 
_ndb_struct_na_base_pair.stagger 
_ndb_struct_na_base_pair.buckle 
_ndb_struct_na_base_pair.propeller 
_ndb_struct_na_base_pair.opening 
_ndb_struct_na_base_pair.pair_number 
_ndb_struct_na_base_pair.pair_name 
_ndb_struct_na_base_pair.i_auth_asym_id 
_ndb_struct_na_base_pair.i_auth_seq_id 
_ndb_struct_na_base_pair.i_PDB_ins_code 
_ndb_struct_na_base_pair.j_auth_asym_id 
_ndb_struct_na_base_pair.j_auth_seq_id 
_ndb_struct_na_base_pair.j_PDB_ins_code 
_ndb_struct_na_base_pair.hbond_type_28 
_ndb_struct_na_base_pair.hbond_type_12 
1 A DG  2  1_555 B DC 10 1_555 0.633  0.240  0.522  -2.664 -5.311  -3.503 1  A_DG2:DC21_B  A 2  ? B 21 ? 19 1 
1 A DG  3  1_555 B DC 9  1_555 0.506  -0.210 0.258  5.930  0.674   -2.170 2  A_DG3:DC20_B  A 3  ? B 20 ? 19 1 
1 A DA  4  1_555 B DT 8  1_555 0.400  -0.379 0.664  13.871 -6.568  -3.410 3  A_DA4:DT19_B  A 4  ? B 19 ? 20 1 
1 A DC  5  1_555 B DG 7  1_555 0.263  -0.536 0.358  8.843  -14.376 -4.640 4  A_DC5:DG18_B  A 5  ? B 18 ? 19 1 
1 A 2BU 6  1_555 B DG 6  1_555 1.284  0.187  -0.337 9.114  3.850   3.190  5  A_2BU6:DG17_B A 6  ? B 17 ? ?  5 
1 A DA  7  1_555 B DT 5  1_555 0.327  -0.110 0.787  6.302  1.185   5.367  6  A_DA7:DT16_B  A 7  ? B 16 ? 20 1 
1 A DG  8  1_555 B DC 4  1_555 0.446  -0.212 0.669  10.268 0.080   -2.547 7  A_DG8:DC15_B  A 8  ? B 15 ? 19 1 
1 A DA  9  1_555 B DT 3  1_555 0.099  -0.147 -0.032 -0.815 -9.252  2.981  8  A_DA9:DT14_B  A 9  ? B 14 ? 20 1 
1 A DA  10 1_555 B DT 2  1_555 0.018  -0.086 -0.073 4.830  7.597   -5.296 9  A_DA10:DT13_B A 10 ? B 13 ? 20 1 
1 A DG  11 1_555 B DC 1  1_555 -0.265 -0.107 -0.330 3.931  3.218   0.018  10 A_DG11:DC12_B A 11 ? B 12 ? 19 1 
# 
loop_
_ndb_struct_na_base_pair_step.model_number 
_ndb_struct_na_base_pair_step.i_label_asym_id_1 
_ndb_struct_na_base_pair_step.i_label_comp_id_1 
_ndb_struct_na_base_pair_step.i_label_seq_id_1 
_ndb_struct_na_base_pair_step.i_symmetry_1 
_ndb_struct_na_base_pair_step.j_label_asym_id_1 
_ndb_struct_na_base_pair_step.j_label_comp_id_1 
_ndb_struct_na_base_pair_step.j_label_seq_id_1 
_ndb_struct_na_base_pair_step.j_symmetry_1 
_ndb_struct_na_base_pair_step.i_label_asym_id_2 
_ndb_struct_na_base_pair_step.i_label_comp_id_2 
_ndb_struct_na_base_pair_step.i_label_seq_id_2 
_ndb_struct_na_base_pair_step.i_symmetry_2 
_ndb_struct_na_base_pair_step.j_label_asym_id_2 
_ndb_struct_na_base_pair_step.j_label_comp_id_2 
_ndb_struct_na_base_pair_step.j_label_seq_id_2 
_ndb_struct_na_base_pair_step.j_symmetry_2 
_ndb_struct_na_base_pair_step.shift 
_ndb_struct_na_base_pair_step.slide 
_ndb_struct_na_base_pair_step.rise 
_ndb_struct_na_base_pair_step.tilt 
_ndb_struct_na_base_pair_step.roll 
_ndb_struct_na_base_pair_step.twist 
_ndb_struct_na_base_pair_step.x_displacement 
_ndb_struct_na_base_pair_step.y_displacement 
_ndb_struct_na_base_pair_step.helical_rise 
_ndb_struct_na_base_pair_step.inclination 
_ndb_struct_na_base_pair_step.tip 
_ndb_struct_na_base_pair_step.helical_twist 
_ndb_struct_na_base_pair_step.step_number 
_ndb_struct_na_base_pair_step.step_name 
_ndb_struct_na_base_pair_step.i_auth_asym_id_1 
_ndb_struct_na_base_pair_step.i_auth_seq_id_1 
_ndb_struct_na_base_pair_step.i_PDB_ins_code_1 
_ndb_struct_na_base_pair_step.j_auth_asym_id_1 
_ndb_struct_na_base_pair_step.j_auth_seq_id_1 
_ndb_struct_na_base_pair_step.j_PDB_ins_code_1 
_ndb_struct_na_base_pair_step.i_auth_asym_id_2 
_ndb_struct_na_base_pair_step.i_auth_seq_id_2 
_ndb_struct_na_base_pair_step.i_PDB_ins_code_2 
_ndb_struct_na_base_pair_step.j_auth_asym_id_2 
_ndb_struct_na_base_pair_step.j_auth_seq_id_2 
_ndb_struct_na_base_pair_step.j_PDB_ins_code_2 
1 A DG  2  1_555 B DC 10 1_555 A DG  3  1_555 B DC 9 1_555 -0.784 1.292  3.459 0.904   0.463   27.837 2.567  1.858  3.453 0.962   
-1.878  27.856 1 AA_DG2DG3:DC20DC21_BB   A 2  ? B 21 ? A 3  ? B 20 ? 
1 A DG  3  1_555 B DC 9  1_555 A DA  4  1_555 B DT 8 1_555 -0.417 0.477  2.811 -2.350  3.438   40.675 0.355  0.373  2.859 4.930   
3.370   40.879 2 AA_DG3DA4:DT19DC20_BB   A 3  ? B 20 ? A 4  ? B 19 ? 
1 A DA  4  1_555 B DT 8  1_555 A DC  5  1_555 B DG 7 1_555 0.604  -0.315 3.232 0.640   -4.331  33.413 0.159  -0.939 3.256 -7.493  
-1.107  33.690 3 AA_DA4DC5:DG18DT19_BB   A 4  ? B 19 ? A 5  ? B 18 ? 
1 A DC  5  1_555 B DG 7  1_555 A 2BU 6  1_555 B DG 6 1_555 0.611  0.694  3.874 7.391   -1.227  34.405 1.367  0.312  3.892 -2.044  
-12.314 35.187 4 AA_DC52BU6:DG17DG18_BB  A 5  ? B 18 ? A 6  ? B 17 ? 
1 A 2BU 6  1_555 B DG 6  1_555 A DA  7  1_555 B DT 5 1_555 0.297  -0.390 3.246 -10.422 -1.879  36.473 -0.363 -1.770 3.065 -2.927  
16.235  37.929 5 AA_2BU6DA7:DT16DG17_BB  A 6  ? B 17 ? A 7  ? B 16 ? 
1 A DA  7  1_555 B DT 5  1_555 A DG  8  1_555 B DC 4 1_555 -0.546 -0.156 3.287 1.726   -11.895 34.949 1.382  1.100  3.143 -19.120 
-2.775  36.898 6 AA_DA7DG8:DC15DT16_BB   A 7  ? B 16 ? A 8  ? B 15 ? 
1 A DG  8  1_555 B DC 4  1_555 A DA  9  1_555 B DT 3 1_555 -0.163 -0.509 3.155 -0.079  10.366  39.296 -1.827 0.227  2.934 15.097  
0.115   40.588 7 AA_DG8DA9:DT14DC15_BB   A 8  ? B 15 ? A 9  ? B 14 ? 
1 A DA  9  1_555 B DT 3  1_555 A DA  10 1_555 B DT 2 1_555 -0.886 -0.394 3.112 -1.637  -5.708  33.573 0.207  1.260  3.172 -9.787  
2.807   34.079 8 AA_DA9DA10:DT13DT14_BB  A 9  ? B 14 ? A 10 ? B 13 ? 
1 A DA  10 1_555 B DT 2  1_555 A DG  11 1_555 B DC 1 1_555 -0.024 0.116  3.579 1.373   -1.174  29.152 0.508  0.375  3.567 -2.330  
-2.724  29.206 9 AA_DA10DG11:DC12DT13_BB A 10 ? B 13 ? A 11 ? B 12 ? 
# 
_pdbx_nmr_spectrometer.spectrometer_id   1 
_pdbx_nmr_spectrometer.type              ? 
_pdbx_nmr_spectrometer.manufacturer      Bruker 
_pdbx_nmr_spectrometer.model             DMX 
_pdbx_nmr_spectrometer.field_strength    800 
# 
_atom_sites.entry_id                    1U6O 
_atom_sites.fract_transf_matrix[1][1]   1.000000 
_atom_sites.fract_transf_matrix[1][2]   0.000000 
_atom_sites.fract_transf_matrix[1][3]   0.000000 
_atom_sites.fract_transf_matrix[2][1]   0.000000 
_atom_sites.fract_transf_matrix[2][2]   1.000000 
_atom_sites.fract_transf_matrix[2][3]   0.000000 
_atom_sites.fract_transf_matrix[3][1]   0.000000 
_atom_sites.fract_transf_matrix[3][2]   0.000000 
_atom_sites.fract_transf_matrix[3][3]   1.000000 
_atom_sites.fract_transf_vector[1]      0.00000 
_atom_sites.fract_transf_vector[2]      0.00000 
_atom_sites.fract_transf_vector[3]      0.00000 
# 
loop_
_atom_type.symbol 
C 
H 
N 
O 
P 
# 
loop_
_atom_site.group_PDB 
_atom_site.id 
_atom_site.type_symbol 
_atom_site.label_atom_id 
_atom_site.label_alt_id 
_atom_site.label_comp_id 
_atom_site.label_asym_id 
_atom_site.label_entity_id 
_atom_site.label_seq_id 
_atom_site.pdbx_PDB_ins_code 
_atom_site.Cartn_x 
_atom_site.Cartn_y 
_atom_site.Cartn_z 
_atom_site.occupancy 
_atom_site.B_iso_or_equiv 
_atom_site.pdbx_formal_charge 
_atom_site.auth_seq_id 
_atom_site.auth_comp_id 
_atom_site.auth_asym_id 
_atom_site.auth_atom_id 
_atom_site.pdbx_PDB_model_num 
ATOM   1   O "O5'"  . DC  A 1 1  ? 3.822   -7.221  -17.704 1.00 0.13 ? 1  DC  A "O5'"  1 
ATOM   2   C "C5'"  . DC  A 1 1  ? 3.686   -8.641  -17.707 1.00 0.08 ? 1  DC  A "C5'"  1 
ATOM   3   C "C4'"  . DC  A 1 1  ? 3.640   -9.169  -16.272 1.00 0.08 ? 1  DC  A "C4'"  1 
ATOM   4   O "O4'"  . DC  A 1 1  ? 4.884   -8.935  -15.588 1.00 0.10 ? 1  DC  A "O4'"  1 
ATOM   5   C "C3'"  . DC  A 1 1  ? 2.533   -8.489  -15.484 1.00 0.07 ? 1  DC  A "C3'"  1 
ATOM   6   O "O3'"  . DC  A 1 1  ? 1.595   -9.468  -14.992 1.00 0.10 ? 1  DC  A "O3'"  1 
ATOM   7   C "C2'"  . DC  A 1 1  ? 3.214   -7.743  -14.358 1.00 0.08 ? 1  DC  A "C2'"  1 
ATOM   8   C "C1'"  . DC  A 1 1  ? 4.692   -7.979  -14.528 1.00 0.09 ? 1  DC  A "C1'"  1 
ATOM   9   N N1     . DC  A 1 1  ? 5.396   -6.723  -14.838 1.00 0.14 ? 1  DC  A N1     1 
ATOM   10  C C2     . DC  A 1 1  ? 6.399   -6.308  -13.973 1.00 0.18 ? 1  DC  A C2     1 
ATOM   11  O O2     . DC  A 1 1  ? 6.699   -6.991  -12.996 1.00 0.26 ? 1  DC  A O2     1 
ATOM   12  N N3     . DC  A 1 1  ? 7.045   -5.143  -14.251 1.00 0.24 ? 1  DC  A N3     1 
ATOM   13  C C4     . DC  A 1 1  ? 6.723   -4.417  -15.331 1.00 0.20 ? 1  DC  A C4     1 
ATOM   14  N N4     . DC  A 1 1  ? 7.380   -3.281  -15.575 1.00 0.24 ? 1  DC  A N4     1 
ATOM   15  C C5     . DC  A 1 1  ? 5.690   -4.845  -16.224 1.00 0.17 ? 1  DC  A C5     1 
ATOM   16  C C6     . DC  A 1 1  ? 5.057   -6.000  -15.939 1.00 0.15 ? 1  DC  A C6     1 
ATOM   17  H "H5'"  . DC  A 1 1  ? 4.539   -9.074  -18.220 1.00 0.11 ? 1  DC  A "H5'"  1 
ATOM   18  H "H5''" . DC  A 1 1  ? 2.769   -8.919  -18.229 1.00 0.10 ? 1  DC  A "H5''" 1 
ATOM   19  H "H4'"  . DC  A 1 1  ? 3.448   -10.241 -16.297 1.00 0.11 ? 1  DC  A "H4'"  1 
ATOM   20  H "H3'"  . DC  A 1 1  ? 2.022   -7.769  -16.130 1.00 0.09 ? 1  DC  A "H3'"  1 
ATOM   21  H "H2'"  . DC  A 1 1  ? 2.986   -6.679  -14.411 1.00 0.13 ? 1  DC  A "H2'"  1 
ATOM   22  H "H2''" . DC  A 1 1  ? 2.912   -8.147  -13.402 1.00 0.12 ? 1  DC  A "H2''" 1 
ATOM   23  H "H1'"  . DC  A 1 1  ? 5.068   -8.383  -13.591 1.00 0.12 ? 1  DC  A "H1'"  1 
ATOM   24  H H41    . DC  A 1 1  ? 8.110   -2.973  -14.946 1.00 0.28 ? 1  DC  A H41    1 
ATOM   25  H H42    . DC  A 1 1  ? 7.148   -2.728  -16.388 1.00 0.20 ? 1  DC  A H42    1 
ATOM   26  H H5     . DC  A 1 1  ? 5.426   -4.259  -17.105 1.00 0.21 ? 1  DC  A H5     1 
ATOM   27  H H6     . DC  A 1 1  ? 4.267   -6.375  -16.605 1.00 0.16 ? 1  DC  A H6     1 
ATOM   28  H "HO5'" . DC  A 1 1  ? 3.808   -6.930  -18.620 1.00 0.15 ? 1  DC  A "HO5'" 1 
ATOM   29  P P      . DG  A 1 2  ? 0.754   -9.249  -13.627 1.00 0.07 ? 2  DG  A P      1 
ATOM   30  O OP1    . DG  A 1 2  ? -0.120  -10.428 -13.427 1.00 0.11 ? 2  DG  A OP1    1 
ATOM   31  O OP2    . DG  A 1 2  ? 0.164   -7.891  -13.657 1.00 0.10 ? 2  DG  A OP2    1 
ATOM   32  O "O5'"  . DG  A 1 2  ? 1.904   -9.275  -12.492 1.00 0.08 ? 2  DG  A "O5'"  1 
ATOM   33  C "C5'"  . DG  A 1 2  ? 2.725   -10.436 -12.309 1.00 0.05 ? 2  DG  A "C5'"  1 
ATOM   34  C "C4'"  . DG  A 1 2  ? 3.679   -10.289 -11.121 1.00 0.04 ? 2  DG  A "C4'"  1 
ATOM   35  O "O4'"  . DG  A 1 2  ? 4.686   -9.283  -11.381 1.00 0.05 ? 2  DG  A "O4'"  1 
ATOM   36  C "C3'"  . DG  A 1 2  ? 2.924   -9.888  -9.864  1.00 0.03 ? 2  DG  A "C3'"  1 
ATOM   37  O "O3'"  . DG  A 1 2  ? 3.025   -10.907 -8.858  1.00 0.04 ? 2  DG  A "O3'"  1 
ATOM   38  C "C2'"  . DG  A 1 2  ? 3.540   -8.592  -9.386  1.00 0.04 ? 2  DG  A "C2'"  1 
ATOM   39  C "C1'"  . DG  A 1 2  ? 4.674   -8.272  -10.347 1.00 0.04 ? 2  DG  A "C1'"  1 
ATOM   40  N N9     . DG  A 1 2  ? 4.471   -6.934  -10.925 1.00 0.04 ? 2  DG  A N9     1 
ATOM   41  C C8     . DG  A 1 2  ? 3.428   -6.481  -11.643 1.00 0.04 ? 2  DG  A C8     1 
ATOM   42  N N7     . DG  A 1 2  ? 3.457   -5.257  -12.047 1.00 0.04 ? 2  DG  A N7     1 
ATOM   43  C C5     . DG  A 1 2  ? 4.680   -4.820  -11.532 1.00 0.05 ? 2  DG  A C5     1 
ATOM   44  C C6     . DG  A 1 2  ? 5.304   -3.549  -11.634 1.00 0.06 ? 2  DG  A C6     1 
ATOM   45  O O6     . DG  A 1 2  ? 4.894   -2.542  -12.204 1.00 0.06 ? 2  DG  A O6     1 
ATOM   46  N N1     . DG  A 1 2  ? 6.528   -3.529  -10.980 1.00 0.08 ? 2  DG  A N1     1 
ATOM   47  C C2     . DG  A 1 2  ? 7.089   -4.597  -10.308 1.00 0.09 ? 2  DG  A C2     1 
ATOM   48  N N2     . DG  A 1 2  ? 8.274   -4.376  -9.738  1.00 0.11 ? 2  DG  A N2     1 
ATOM   49  N N3     . DG  A 1 2  ? 6.509   -5.798  -10.207 1.00 0.07 ? 2  DG  A N3     1 
ATOM   50  C C4     . DG  A 1 2  ? 5.312   -5.843  -10.840 1.00 0.05 ? 2  DG  A C4     1 
ATOM   51  H "H5'"  . DG  A 1 2  ? 3.309   -10.602 -13.213 1.00 0.07 ? 2  DG  A "H5'"  1 
ATOM   52  H "H5''" . DG  A 1 2  ? 2.080   -11.300 -12.140 1.00 0.07 ? 2  DG  A "H5''" 1 
ATOM   53  H "H4'"  . DG  A 1 2  ? 4.171   -11.248 -10.949 1.00 0.05 ? 2  DG  A "H4'"  1 
ATOM   54  H "H3'"  . DG  A 1 2  ? 1.874   -9.716  -10.110 1.00 0.04 ? 2  DG  A "H3'"  1 
ATOM   55  H "H2'"  . DG  A 1 2  ? 2.796   -7.794  -9.414  1.00 0.05 ? 2  DG  A "H2'"  1 
ATOM   56  H "H2''" . DG  A 1 2  ? 3.928   -8.711  -8.381  1.00 0.05 ? 2  DG  A "H2''" 1 
ATOM   57  H "H1'"  . DG  A 1 2  ? 5.623   -8.286  -9.807  1.00 0.05 ? 2  DG  A "H1'"  1 
ATOM   58  H H8     . DG  A 1 2  ? 2.588   -7.135  -11.865 1.00 0.05 ? 2  DG  A H8     1 
ATOM   59  H H1     . DG  A 1 2  ? 7.036   -2.657  -11.017 1.00 0.10 ? 2  DG  A H1     1 
ATOM   60  H H21    . DG  A 1 2  ? 8.713   -3.470  -9.818  1.00 0.13 ? 2  DG  A H21    1 
ATOM   61  H H22    . DG  A 1 2  ? 8.735   -5.116  -9.227  1.00 0.12 ? 2  DG  A H22    1 
ATOM   62  P P      . DG  A 1 3  ? 2.317   -10.735 -7.415  1.00 0.03 ? 3  DG  A P      1 
ATOM   63  O OP1    . DG  A 1 3  ? 1.921   -12.076 -6.931  1.00 0.04 ? 3  DG  A OP1    1 
ATOM   64  O OP2    . DG  A 1 3  ? 1.303   -9.661  -7.514  1.00 0.04 ? 3  DG  A OP2    1 
ATOM   65  O "O5'"  . DG  A 1 3  ? 3.525   -10.200 -6.489  1.00 0.04 ? 3  DG  A "O5'"  1 
ATOM   66  C "C5'"  . DG  A 1 3  ? 4.747   -10.939 -6.406  1.00 0.03 ? 3  DG  A "C5'"  1 
ATOM   67  C "C4'"  . DG  A 1 3  ? 5.714   -10.357 -5.382  1.00 0.03 ? 3  DG  A "C4'"  1 
ATOM   68  O "O4'"  . DG  A 1 3  ? 6.178   -9.082  -5.841  1.00 0.03 ? 3  DG  A "O4'"  1 
ATOM   69  C "C3'"  . DG  A 1 3  ? 5.060   -10.131 -4.028  1.00 0.03 ? 3  DG  A "C3'"  1 
ATOM   70  O "O3'"  . DG  A 1 3  ? 6.016   -10.356 -2.977  1.00 0.04 ? 3  DG  A "O3'"  1 
ATOM   71  C "C2'"  . DG  A 1 3  ? 4.612   -8.706  -4.065  1.00 0.03 ? 3  DG  A "C2'"  1 
ATOM   72  C "C1'"  . DG  A 1 3  ? 5.532   -8.042  -5.085  1.00 0.03 ? 3  DG  A "C1'"  1 
ATOM   73  N N9     . DG  A 1 3  ? 4.777   -7.145  -5.974  1.00 0.03 ? 3  DG  A N9     1 
ATOM   74  C C8     . DG  A 1 3  ? 3.577   -7.335  -6.571  1.00 0.03 ? 3  DG  A C8     1 
ATOM   75  N N7     . DG  A 1 3  ? 3.123   -6.385  -7.317  1.00 0.03 ? 3  DG  A N7     1 
ATOM   76  C C5     . DG  A 1 3  ? 4.143   -5.434  -7.217  1.00 0.03 ? 3  DG  A C5     1 
ATOM   77  C C6     . DG  A 1 3  ? 4.241   -4.141  -7.794  1.00 0.02 ? 3  DG  A C6     1 
ATOM   78  O O6     . DG  A 1 3  ? 3.443   -3.575  -8.537  1.00 0.03 ? 3  DG  A O6     1 
ATOM   79  N N1     . DG  A 1 3  ? 5.417   -3.504  -7.416  1.00 0.02 ? 3  DG  A N1     1 
ATOM   80  C C2     . DG  A 1 3  ? 6.383   -4.038  -6.588  1.00 0.02 ? 3  DG  A C2     1 
ATOM   81  N N2     . DG  A 1 3  ? 7.440   -3.268  -6.336  1.00 0.03 ? 3  DG  A N2     1 
ATOM   82  N N3     . DG  A 1 3  ? 6.297   -5.253  -6.042  1.00 0.03 ? 3  DG  A N3     1 
ATOM   83  C C4     . DG  A 1 3  ? 5.160   -5.893  -6.393  1.00 0.03 ? 3  DG  A C4     1 
ATOM   84  H "H5'"  . DG  A 1 3  ? 5.234   -10.914 -7.374  1.00 0.04 ? 3  DG  A "H5'"  1 
ATOM   85  H "H5''" . DG  A 1 3  ? 4.519   -11.968 -6.148  1.00 0.04 ? 3  DG  A "H5''" 1 
ATOM   86  H "H4'"  . DG  A 1 3  ? 6.567   -11.024 -5.268  1.00 0.04 ? 3  DG  A "H4'"  1 
ATOM   87  H "H3'"  . DG  A 1 3  ? 4.201   -10.772 -3.891  1.00 0.04 ? 3  DG  A "H3'"  1 
ATOM   88  H "H2'"  . DG  A 1 3  ? 3.575   -8.648  -4.399  1.00 0.03 ? 3  DG  A "H2'"  1 
ATOM   89  H "H2''" . DG  A 1 3  ? 4.719   -8.261  -3.089  1.00 0.03 ? 3  DG  A "H2''" 1 
ATOM   90  H "H1'"  . DG  A 1 3  ? 6.289   -7.473  -4.567  1.00 0.03 ? 3  DG  A "H1'"  1 
ATOM   91  H H8     . DG  A 1 3  ? 3.025   -8.269  -6.438  1.00 0.03 ? 3  DG  A H8     1 
ATOM   92  H H1     . DG  A 1 3  ? 5.552   -2.573  -7.784  1.00 0.02 ? 3  DG  A H1     1 
ATOM   93  H H21    . DG  A 1 3  ? 7.506   -2.349  -6.748  1.00 0.03 ? 3  DG  A H21    1 
ATOM   94  H H22    . DG  A 1 3  ? 8.178   -3.605  -5.733  1.00 0.03 ? 3  DG  A H22    1 
ATOM   95  P P      . DA  A 1 4  ? 5.736   -9.912  -1.450  1.00 0.04 ? 4  DA  A P      1 
ATOM   96  O OP1    . DA  A 1 4  ? 6.521   -10.798 -0.561  1.00 0.04 ? 4  DA  A OP1    1 
ATOM   97  O OP2    . DA  A 1 4  ? 4.273   -9.788  -1.256  1.00 0.04 ? 4  DA  A OP2    1 
ATOM   98  O "O5'"  . DA  A 1 4  ? 6.380   -8.433  -1.381  1.00 0.03 ? 4  DA  A "O5'"  1 
ATOM   99  C "C5'"  . DA  A 1 4  ? 7.651   -8.159  -1.993  1.00 0.03 ? 4  DA  A "C5'"  1 
ATOM   100 C "C4'"  . DA  A 1 4  ? 8.455   -7.091  -1.228  1.00 0.02 ? 4  DA  A "C4'"  1 
ATOM   101 O "O4'"  . DA  A 1 4  ? 8.388   -5.822  -1.896  1.00 0.01 ? 4  DA  A "O4'"  1 
ATOM   102 C "C3'"  . DA  A 1 4  ? 7.908   -6.881  0.178   1.00 0.02 ? 4  DA  A "C3'"  1 
ATOM   103 O "O3'"  . DA  A 1 4  ? 8.965   -6.741  1.147   1.00 0.02 ? 4  DA  A "O3'"  1 
ATOM   104 C "C2'"  . DA  A 1 4  ? 7.071   -5.626  0.100   1.00 0.02 ? 4  DA  A "C2'"  1 
ATOM   105 C "C1'"  . DA  A 1 4  ? 7.385   -5.009  -1.263  1.00 0.01 ? 4  DA  A "C1'"  1 
ATOM   106 N N9     . DA  A 1 4  ? 6.184   -4.971  -2.095  1.00 0.01 ? 4  DA  A N9     1 
ATOM   107 C C8     . DA  A 1 4  ? 5.246   -5.909  -2.220  1.00 0.02 ? 4  DA  A C8     1 
ATOM   108 N N7     . DA  A 1 4  ? 4.262   -5.678  -3.024  1.00 0.02 ? 4  DA  A N7     1 
ATOM   109 C C5     . DA  A 1 4  ? 4.596   -4.407  -3.505  1.00 0.02 ? 4  DA  A C5     1 
ATOM   110 C C6     . DA  A 1 4  ? 3.979   -3.544  -4.414  1.00 0.02 ? 4  DA  A C6     1 
ATOM   111 N N6     . DA  A 1 4  ? 2.839   -3.842  -5.039  1.00 0.02 ? 4  DA  A N6     1 
ATOM   112 N N1     . DA  A 1 4  ? 4.581   -2.365  -4.657  1.00 0.02 ? 4  DA  A N1     1 
ATOM   113 C C2     . DA  A 1 4  ? 5.725   -2.054  -4.044  1.00 0.01 ? 4  DA  A C2     1 
ATOM   114 N N3     . DA  A 1 4  ? 6.395   -2.796  -3.167  1.00 0.01 ? 4  DA  A N3     1 
ATOM   115 C C4     . DA  A 1 4  ? 5.769   -3.968  -2.941  1.00 0.01 ? 4  DA  A C4     1 
ATOM   116 H "H5'"  . DA  A 1 4  ? 7.470   -7.805  -3.015  1.00 0.03 ? 4  DA  A "H5'"  1 
ATOM   117 H "H5''" . DA  A 1 4  ? 8.232   -9.081  -2.033  1.00 0.03 ? 4  DA  A "H5''" 1 
ATOM   118 H "H4'"  . DA  A 1 4  ? 9.497   -7.407  -1.168  1.00 0.02 ? 4  DA  A "H4'"  1 
ATOM   119 H "H3'"  . DA  A 1 4  ? 7.268   -7.724  0.463   1.00 0.03 ? 4  DA  A "H3'"  1 
ATOM   120 H "H2'"  . DA  A 1 4  ? 6.011   -5.874  0.168   1.00 0.02 ? 4  DA  A "H2'"  1 
ATOM   121 H "H2''" . DA  A 1 4  ? 7.347   -4.944  0.893   1.00 0.02 ? 4  DA  A "H2''" 1 
ATOM   122 H "H1'"  . DA  A 1 4  ? 7.753   -4.005  -1.126  1.00 0.01 ? 4  DA  A "H1'"  1 
ATOM   123 H H8     . DA  A 1 4  ? 5.337   -6.835  -1.663  1.00 0.02 ? 4  DA  A H8     1 
ATOM   124 H H61    . DA  A 1 4  ? 2.386   -4.726  -4.863  1.00 0.03 ? 4  DA  A H61    1 
ATOM   125 H H62    . DA  A 1 4  ? 2.431   -3.184  -5.686  1.00 0.02 ? 4  DA  A H62    1 
ATOM   126 H H2     . DA  A 1 4  ? 6.159   -1.084  -4.289  1.00 0.01 ? 4  DA  A H2     1 
ATOM   127 P P      . DC  A 1 5  ? 10.165  -5.655  1.023   1.00 0.02 ? 5  DC  A P      1 
ATOM   128 O OP1    . DC  A 1 5  ? 10.853  -5.871  -0.269  1.00 0.02 ? 5  DC  A OP1    1 
ATOM   129 O OP2    . DC  A 1 5  ? 10.942  -5.694  2.280   1.00 0.03 ? 5  DC  A OP2    1 
ATOM   130 O "O5'"  . DC  A 1 5  ? 9.407   -4.233  0.962   1.00 0.02 ? 5  DC  A "O5'"  1 
ATOM   131 C "C5'"  . DC  A 1 5  ? 9.987   -3.133  0.245   1.00 0.03 ? 5  DC  A "C5'"  1 
ATOM   132 C "C4'"  . DC  A 1 5  ? 9.113   -1.881  0.308   1.00 0.04 ? 5  DC  A "C4'"  1 
ATOM   133 O "O4'"  . DC  A 1 5  ? 7.941   -2.013  -0.521  1.00 0.04 ? 5  DC  A "O4'"  1 
ATOM   134 C "C3'"  . DC  A 1 5  ? 8.640   -1.617  1.733   1.00 0.03 ? 5  DC  A "C3'"  1 
ATOM   135 O "O3'"  . DC  A 1 5  ? 9.253   -0.438  2.265   1.00 0.04 ? 5  DC  A "O3'"  1 
ATOM   136 C "C2'"  . DC  A 1 5  ? 7.132   -1.468  1.649   1.00 0.03 ? 5  DC  A "C2'"  1 
ATOM   137 C "C1'"  . DC  A 1 5  ? 6.827   -1.408  0.155   1.00 0.04 ? 5  DC  A "C1'"  1 
ATOM   138 N N1     . DC  A 1 5  ? 5.550   -2.092  -0.190  1.00 0.04 ? 5  DC  A N1     1 
ATOM   139 C C2     . DC  A 1 5  ? 4.728   -1.476  -1.124  1.00 0.04 ? 5  DC  A C2     1 
ATOM   140 O O2     . DC  A 1 5  ? 5.060   -0.409  -1.639  1.00 0.05 ? 5  DC  A O2     1 
ATOM   141 N N3     . DC  A 1 5  ? 3.562   -2.088  -1.461  1.00 0.05 ? 5  DC  A N3     1 
ATOM   142 C C4     . DC  A 1 5  ? 3.208   -3.254  -0.910  1.00 0.04 ? 5  DC  A C4     1 
ATOM   143 N N4     . DC  A 1 5  ? 2.067   -3.833  -1.277  1.00 0.05 ? 5  DC  A N4     1 
ATOM   144 C C5     . DC  A 1 5  ? 4.042   -3.894  0.051   1.00 0.04 ? 5  DC  A C5     1 
ATOM   145 C C6     . DC  A 1 5  ? 5.195   -3.288  0.378   1.00 0.03 ? 5  DC  A C6     1 
ATOM   146 H "H5'"  . DC  A 1 5  ? 10.135  -3.414  -0.797  1.00 0.04 ? 5  DC  A "H5'"  1 
ATOM   147 H "H5''" . DC  A 1 5  ? 10.956  -2.902  0.690   1.00 0.04 ? 5  DC  A "H5''" 1 
ATOM   148 H "H4'"  . DC  A 1 5  ? 9.694   -1.025  -0.035  1.00 0.04 ? 5  DC  A "H4'"  1 
ATOM   149 H "H3'"  . DC  A 1 5  ? 8.886   -2.475  2.364   1.00 0.03 ? 5  DC  A "H3'"  1 
ATOM   150 H "H2'"  . DC  A 1 5  ? 6.647   -2.335  2.099   1.00 0.03 ? 5  DC  A "H2'"  1 
ATOM   151 H "H2''" . DC  A 1 5  ? 6.810   -0.553  2.142   1.00 0.04 ? 5  DC  A "H2''" 1 
ATOM   152 H "H1'"  . DC  A 1 5  ? 6.761   -0.358  -0.146  1.00 0.04 ? 5  DC  A "H1'"  1 
ATOM   153 H H41    . DC  A 1 5  ? 1.470   -3.386  -1.956  1.00 0.06 ? 5  DC  A H41    1 
ATOM   154 H H42    . DC  A 1 5  ? 1.801   -4.719  -0.873  1.00 0.05 ? 5  DC  A H42    1 
ATOM   155 H H5     . DC  A 1 5  ? 3.756   -4.845  0.504   1.00 0.04 ? 5  DC  A H5     1 
ATOM   156 H H6     . DC  A 1 5  ? 5.859   -3.768  1.081   1.00 0.03 ? 5  DC  A H6     1 
HETATM 157 P P      . 2BU A 1 6  ? 8.993   0.014   3.791   1.00 0.03 ? 6  2BU A P      1 
HETATM 158 O OP1    . 2BU A 1 6  ? 10.236  0.627   4.314   1.00 0.05 ? 6  2BU A OP1    1 
HETATM 159 O OP2    . 2BU A 1 6  ? 8.368   -1.117  4.518   1.00 0.04 ? 6  2BU A OP2    1 
HETATM 160 O "O5'"  . 2BU A 1 6  ? 7.890   1.171   3.621   1.00 0.02 ? 6  2BU A "O5'"  1 
HETATM 161 C "C5'"  . 2BU A 1 6  ? 8.174   2.324   2.824   1.00 0.02 ? 6  2BU A "C5'"  1 
HETATM 162 C "C4'"  . 2BU A 1 6  ? 6.933   3.192   2.626   1.00 0.02 ? 6  2BU A "C4'"  1 
HETATM 163 O "O4'"  . 2BU A 1 6  ? 5.884   2.455   1.958   1.00 0.02 ? 6  2BU A "O4'"  1 
HETATM 164 C "C1'"  . 2BU A 1 6  ? 4.682   2.492   2.748   1.00 0.01 ? 6  2BU A "C1'"  1 
HETATM 165 N N9     . 2BU A 1 6  ? 4.050   1.152   2.758   1.00 0.01 ? 6  2BU A N9     1 
HETATM 166 C C4     . 2BU A 1 6  ? 2.966   0.699   2.019   1.00 0.02 ? 6  2BU A C4     1 
HETATM 167 N N3     . 2BU A 1 6  ? 2.300   1.363   1.044   1.00 0.02 ? 6  2BU A N3     1 
HETATM 168 C C2     . 2BU A 1 6  ? 1.357   0.604   0.491   1.00 0.02 ? 6  2BU A C2     1 
HETATM 169 N N1     . 2BU A 1 6  ? 1.039   -0.650  0.821   1.00 0.02 ? 6  2BU A N1     1 
HETATM 170 C C6     . 2BU A 1 6  ? 1.716   -1.296  1.786   1.00 0.02 ? 6  2BU A C6     1 
HETATM 171 N N6     . 2BU A 1 6  ? 1.266   -2.497  2.203   1.00 0.02 ? 6  2BU A N6     1 
HETATM 172 C CB1    . 2BU A 1 6  ? 2.252   -3.526  2.650   1.00 0.02 ? 6  2BU A CB1    1 
HETATM 173 C CB2    . 2BU A 1 6  ? 1.445   -4.613  3.463   1.00 0.03 ? 6  2BU A CB2    1 
HETATM 174 O OH2    . 2BU A 1 6  ? 0.476   -4.719  3.034   1.00 0.03 ? 6  2BU A OH2    1 
HETATM 175 C CB3    . 2BU A 1 6  ? 0.968   -6.012  2.845   1.00 0.04 ? 6  2BU A CB3    1 
HETATM 176 O OH3    . 2BU A 1 6  ? 0.923   -6.054  1.729   1.00 0.04 ? 6  2BU A OH3    1 
HETATM 177 C CB4    . 2BU A 1 6  ? 1.852   -7.147  3.425   1.00 0.04 ? 6  2BU A CB4    1 
HETATM 178 O OH4    . 2BU A 1 6  ? 1.129   -8.392  3.384   1.00 0.04 ? 6  2BU A OH4    1 
HETATM 179 C C5     . 2BU A 1 6  ? 2.741   -0.598  2.426   1.00 0.02 ? 6  2BU A C5     1 
HETATM 180 N N7     . 2BU A 1 6  ? 3.670   -0.986  3.408   1.00 0.02 ? 6  2BU A N7     1 
HETATM 181 C C8     . 2BU A 1 6  ? 4.378   0.084   3.523   1.00 0.02 ? 6  2BU A C8     1 
HETATM 182 C "C2'"  . 2BU A 1 6  ? 5.053   2.956   4.140   1.00 0.02 ? 6  2BU A "C2'"  1 
HETATM 183 C "C3'"  . 2BU A 1 6  ? 6.384   3.652   3.972   1.00 0.02 ? 6  2BU A "C3'"  1 
HETATM 184 O "O3'"  . 2BU A 1 6  ? 6.233   5.089   4.038   1.00 0.02 ? 6  2BU A "O3'"  1 
HETATM 185 H "H5'"  . 2BU A 1 6  ? 8.545   2.003   1.851   1.00 0.03 ? 6  2BU A "H5'"  1 
HETATM 186 H "H5''" . 2BU A 1 6  ? 8.944   2.916   3.319   1.00 0.03 ? 6  2BU A "H5''" 1 
HETATM 187 H "H4'"  . 2BU A 1 6  ? 7.206   4.061   2.022   1.00 0.02 ? 6  2BU A "H4'"  1 
HETATM 188 H "H1'"  . 2BU A 1 6  ? 4.001   3.219   2.323   1.00 0.01 ? 6  2BU A "H1'"  1 
HETATM 189 H H2     . 2BU A 1 6  ? 0.788   1.052   -0.341  1.00 0.02 ? 6  2BU A H2     1 
HETATM 190 H H6     . 2BU A 1 6  ? 0.520   -2.913  1.668   1.00 0.03 ? 6  2BU A H6     1 
HETATM 191 H HB12   . 2BU A 1 6  ? 2.992   -3.031  3.288   1.00 0.02 ? 6  2BU A HB12   1 
HETATM 192 H HB11   . 2BU A 1 6  ? 2.723   -4.009  1.769   1.00 0.03 ? 6  2BU A HB11   1 
HETATM 193 H HB2    . 2BU A 1 6  ? 1.935   -4.779  4.407   1.00 0.03 ? 6  2BU A HB2    1 
HETATM 194 H HO2    . 2BU A 1 6  ? -0.151  -4.833  3.740   1.00 0.03 ? 6  2BU A HO2    1 
HETATM 195 H HB3    . 2BU A 1 6  ? -0.033  -6.155  3.156   1.00 0.04 ? 6  2BU A HB3    1 
HETATM 196 H HO3    . 2BU A 1 6  ? -0.010  -5.918  1.460   1.00 0.04 ? 6  2BU A HO3    1 
HETATM 197 H HB41   . 2BU A 1 6  ? 2.078   -6.892  4.401   1.00 0.04 ? 6  2BU A HB41   1 
HETATM 198 H HB42   . 2BU A 1 6  ? 2.744   -7.238  2.824   1.00 0.03 ? 6  2BU A HB42   1 
HETATM 199 H HO4    . 2BU A 1 6  ? 0.292   -8.259  2.912   1.00 0.04 ? 6  2BU A HO4    1 
HETATM 200 H H8     . 2BU A 1 6  ? 5.207   0.135   4.225   1.00 0.02 ? 6  2BU A H8     1 
HETATM 201 H "H2'"  . 2BU A 1 6  ? 5.157   2.105   4.798   1.00 0.02 ? 6  2BU A "H2'"  1 
HETATM 202 H "H2''" . 2BU A 1 6  ? 4.308   3.649   4.535   1.00 0.02 ? 6  2BU A "H2''" 1 
HETATM 203 H "H3'"  . 2BU A 1 6  ? 7.059   3.324   4.764   1.00 0.02 ? 6  2BU A "H3'"  1 
ATOM   204 P P      . DA  A 1 7  ? 5.750   6.010   2.790   1.00 0.01 ? 7  DA  A P      1 
ATOM   205 O OP1    . DA  A 1 7  ? 6.731   5.854   1.692   1.00 0.01 ? 7  DA  A OP1    1 
ATOM   206 O OP2    . DA  A 1 7  ? 5.450   7.362   3.311   1.00 0.02 ? 7  DA  A OP2    1 
ATOM   207 O "O5'"  . DA  A 1 7  ? 4.358   5.344   2.320   1.00 0.02 ? 7  DA  A "O5'"  1 
ATOM   208 C "C5'"  . DA  A 1 7  ? 3.999   5.306   0.927   1.00 0.01 ? 7  DA  A "C5'"  1 
ATOM   209 C "C4'"  . DA  A 1 7  ? 2.735   6.107   0.647   1.00 0.01 ? 7  DA  A "C4'"  1 
ATOM   210 O "O4'"  . DA  A 1 7  ? 1.599   5.238   0.671   1.00 0.01 ? 7  DA  A "O4'"  1 
ATOM   211 C "C3'"  . DA  A 1 7  ? 2.516   7.165   1.712   1.00 0.01 ? 7  DA  A "C3'"  1 
ATOM   212 O "O3'"  . DA  A 1 7  ? 1.999   8.377   1.130   1.00 0.01 ? 7  DA  A "O3'"  1 
ATOM   213 C "C2'"  . DA  A 1 7  ? 1.549   6.538   2.686   1.00 0.01 ? 7  DA  A "C2'"  1 
ATOM   214 C "C1'"  . DA  A 1 7  ? 0.895   5.406   1.912   1.00 0.01 ? 7  DA  A "C1'"  1 
ATOM   215 N N9     . DA  A 1 7  ? 0.919   4.161   2.696   1.00 0.01 ? 7  DA  A N9     1 
ATOM   216 C C8     . DA  A 1 7  ? 1.860   3.713   3.551   1.00 0.01 ? 7  DA  A C8     1 
ATOM   217 N N7     . DA  A 1 7  ? 1.663   2.569   4.114   1.00 0.01 ? 7  DA  A N7     1 
ATOM   218 C C5     . DA  A 1 7  ? 0.431   2.200   3.569   1.00 0.01 ? 7  DA  A C5     1 
ATOM   219 C C6     . DA  A 1 7  ? -0.380  1.078   3.739   1.00 0.01 ? 7  DA  A C6     1 
ATOM   220 N N6     . DA  A 1 7  ? -0.055  0.055   4.529   1.00 0.02 ? 7  DA  A N6     1 
ATOM   221 N N1     . DA  A 1 7  ? -1.532  1.042   3.047   1.00 0.01 ? 7  DA  A N1     1 
ATOM   222 C C2     . DA  A 1 7  ? -1.870  2.045   2.237   1.00 0.01 ? 7  DA  A C2     1 
ATOM   223 N N3     . DA  A 1 7  ? -1.178  3.153   2.001   1.00 0.01 ? 7  DA  A N3     1 
ATOM   224 C C4     . DA  A 1 7  ? -0.029  3.168   2.705   1.00 0.01 ? 7  DA  A C4     1 
ATOM   225 H "H5'"  . DA  A 1 7  ? 3.816   4.275   0.632   1.00 0.01 ? 7  DA  A "H5'"  1 
ATOM   226 H "H5''" . DA  A 1 7  ? 4.815   5.712   0.333   1.00 0.01 ? 7  DA  A "H5''" 1 
ATOM   227 H "H4'"  . DA  A 1 7  ? 2.808   6.579   -0.331  1.00 0.01 ? 7  DA  A "H4'"  1 
ATOM   228 H "H3'"  . DA  A 1 7  ? 3.452   7.367   2.221   1.00 0.01 ? 7  DA  A "H3'"  1 
ATOM   229 H "H2'"  . DA  A 1 7  ? 2.090   6.137   3.546   1.00 0.02 ? 7  DA  A "H2'"  1 
ATOM   230 H "H2''" . DA  A 1 7  ? 0.799   7.256   3.012   1.00 0.02 ? 7  DA  A "H2''" 1 
ATOM   231 H "H1'"  . DA  A 1 7  ? -0.121  5.676   1.700   1.00 0.01 ? 7  DA  A "H1'"  1 
ATOM   232 H H8     . DA  A 1 7  ? 2.749   4.305   3.758   1.00 0.01 ? 7  DA  A H8     1 
ATOM   233 H H61    . DA  A 1 7  ? 0.818   0.065   5.033   1.00 0.02 ? 7  DA  A H61    1 
ATOM   234 H H62    . DA  A 1 7  ? -0.682  -0.734  4.617   1.00 0.02 ? 7  DA  A H62    1 
ATOM   235 H H2     . DA  A 1 7  ? -2.817  1.946   1.709   1.00 0.01 ? 7  DA  A H2     1 
ATOM   236 P P      . DG  A 1 8  ? 1.108   9.420   1.981   1.00 0.02 ? 8  DG  A P      1 
ATOM   237 O OP1    . DG  A 1 8  ? 1.155   10.734  1.302   1.00 0.02 ? 8  DG  A OP1    1 
ATOM   238 O OP2    . DG  A 1 8  ? 1.492   9.314   3.407   1.00 0.02 ? 8  DG  A OP2    1 
ATOM   239 O "O5'"  . DG  A 1 8  ? -0.375  8.813   1.811   1.00 0.02 ? 8  DG  A "O5'"  1 
ATOM   240 C "C5'"  . DG  A 1 8  ? -1.071  8.948   0.567   1.00 0.02 ? 8  DG  A "C5'"  1 
ATOM   241 C "C4'"  . DG  A 1 8  ? -2.546  8.568   0.688   1.00 0.02 ? 8  DG  A "C4'"  1 
ATOM   242 O "O4'"  . DG  A 1 8  ? -2.722  7.148   0.853   1.00 0.01 ? 8  DG  A "O4'"  1 
ATOM   243 C "C3'"  . DG  A 1 8  ? -3.188  9.233   1.888   1.00 0.02 ? 8  DG  A "C3'"  1 
ATOM   244 O "O3'"  . DG  A 1 8  ? -3.806  10.474  1.532   1.00 0.02 ? 8  DG  A "O3'"  1 
ATOM   245 C "C2'"  . DG  A 1 8  ? -4.208  8.235   2.382   1.00 0.02 ? 8  DG  A "C2'"  1 
ATOM   246 C "C1'"  . DG  A 1 8  ? -3.706  6.899   1.884   1.00 0.01 ? 8  DG  A "C1'"  1 
ATOM   247 N N9     . DG  A 1 8  ? -3.124  6.119   2.986   1.00 0.01 ? 8  DG  A N9     1 
ATOM   248 C C8     . DG  A 1 8  ? -2.085  6.434   3.783   1.00 0.01 ? 8  DG  A C8     1 
ATOM   249 N N7     . DG  A 1 8  ? -1.737  5.580   4.688   1.00 0.01 ? 8  DG  A N7     1 
ATOM   250 C C5     . DG  A 1 8  ? -2.664  4.552   4.477   1.00 0.01 ? 8  DG  A C5     1 
ATOM   251 C C6     . DG  A 1 8  ? -2.857  3.337   5.188   1.00 0.01 ? 8  DG  A C6     1 
ATOM   252 O O6     . DG  A 1 8  ? -2.199  2.888   6.123   1.00 0.01 ? 8  DG  A O6     1 
ATOM   253 N N1     . DG  A 1 8  ? -3.942  2.624   4.695   1.00 0.01 ? 8  DG  A N1     1 
ATOM   254 C C2     . DG  A 1 8  ? -4.747  3.023   3.647   1.00 0.01 ? 8  DG  A C2     1 
ATOM   255 N N2     . DG  A 1 8  ? -5.742  2.197   3.319   1.00 0.01 ? 8  DG  A N2     1 
ATOM   256 N N3     . DG  A 1 8  ? -4.573  4.164   2.971   1.00 0.01 ? 8  DG  A N3     1 
ATOM   257 C C4     . DG  A 1 8  ? -3.520  4.877   3.433   1.00 0.01 ? 8  DG  A C4     1 
ATOM   258 H "H5'"  . DG  A 1 8  ? -0.599  8.307   -0.178  1.00 0.01 ? 8  DG  A "H5'"  1 
ATOM   259 H "H5''" . DG  A 1 8  ? -1.000  9.985   0.237   1.00 0.02 ? 8  DG  A "H5''" 1 
ATOM   260 H "H4'"  . DG  A 1 8  ? -3.069  8.883   -0.214  1.00 0.02 ? 8  DG  A "H4'"  1 
ATOM   261 H "H3'"  . DG  A 1 8  ? -2.426  9.389   2.658   1.00 0.02 ? 8  DG  A "H3'"  1 
ATOM   262 H "H2'"  . DG  A 1 8  ? -4.287  8.238   3.474   1.00 0.02 ? 8  DG  A "H2'"  1 
ATOM   263 H "H2''" . DG  A 1 8  ? -5.173  8.439   1.935   1.00 0.02 ? 8  DG  A "H2''" 1 
ATOM   264 H "H1'"  . DG  A 1 8  ? -4.542  6.361   1.462   1.00 0.01 ? 8  DG  A "H1'"  1 
ATOM   265 H H8     . DG  A 1 8  ? -1.566  7.385   3.666   1.00 0.01 ? 8  DG  A H8     1 
ATOM   266 H H1     . DG  A 1 8  ? -4.141  1.747   5.155   1.00 0.01 ? 8  DG  A H1     1 
ATOM   267 H H21    . DG  A 1 8  ? -5.875  1.335   3.828   1.00 0.01 ? 8  DG  A H21    1 
ATOM   268 H H22    . DG  A 1 8  ? -6.362  2.434   2.557   1.00 0.01 ? 8  DG  A H22    1 
ATOM   269 P P      . DA  A 1 9  ? -7.158  9.683   1.845   1.00 0.01 ? 9  DA  A P      1 
ATOM   270 O OP1    . DA  A 1 9  ? -6.765  10.141  3.196   1.00 0.01 ? 9  DA  A OP1    1 
ATOM   271 O OP2    . DA  A 1 9  ? -8.420  10.178  1.247   1.00 0.01 ? 9  DA  A OP2    1 
ATOM   272 O "O5'"  . DA  A 1 9  ? -7.228  8.075   1.865   1.00 0.01 ? 9  DA  A "O5'"  1 
ATOM   273 C "C5'"  . DA  A 1 9  ? -7.443  7.328   0.658   1.00 0.01 ? 9  DA  A "C5'"  1 
ATOM   274 C "C4'"  . DA  A 1 9  ? -8.603  6.352   0.832   1.00 0.01 ? 9  DA  A "C4'"  1 
ATOM   275 O "O4'"  . DA  A 1 9  ? -8.217  5.218   1.627   1.00 0.01 ? 9  DA  A "O4'"  1 
ATOM   276 C "C3'"  . DA  A 1 9  ? -9.707  7.044   1.595   1.00 0.01 ? 9  DA  A "C3'"  1 
ATOM   277 O "O3'"  . DA  A 1 9  ? -10.990 6.517   1.236   1.00 0.01 ? 9  DA  A "O3'"  1 
ATOM   278 C "C2'"  . DA  A 1 9  ? -9.388  6.759   3.038   1.00 0.01 ? 9  DA  A "C2'"  1 
ATOM   279 C "C1'"  . DA  A 1 9  ? -8.612  5.451   3.000   1.00 0.01 ? 9  DA  A "C1'"  1 
ATOM   280 N N9     . DA  A 1 9  ? -7.427  5.532   3.857   1.00 0.01 ? 9  DA  A N9     1 
ATOM   281 C C8     . DA  A 1 9  ? -6.432  6.445   3.858   1.00 0.01 ? 9  DA  A C8     1 
ATOM   282 N N7     . DA  A 1 9  ? -5.474  6.280   4.707   1.00 0.01 ? 9  DA  A N7     1 
ATOM   283 C C5     . DA  A 1 9  ? -5.880  5.108   5.358   1.00 0.01 ? 9  DA  A C5     1 
ATOM   284 C C6     . DA  A 1 9  ? -5.317  4.353   6.389   1.00 0.01 ? 9  DA  A C6     1 
ATOM   285 N N6     . DA  A 1 9  ? -4.164  4.668   6.974   1.00 0.01 ? 9  DA  A N6     1 
ATOM   286 N N1     . DA  A 1 9  ? -5.985  3.253   6.785   1.00 0.01 ? 9  DA  A N1     1 
ATOM   287 C C2     . DA  A 1 9  ? -7.136  2.913   6.204   1.00 0.01 ? 9  DA  A C2     1 
ATOM   288 N N3     . DA  A 1 9  ? -7.755  3.554   5.222   1.00 0.01 ? 9  DA  A N3     1 
ATOM   289 C C4     . DA  A 1 9  ? -7.067  4.650   4.842   1.00 0.01 ? 9  DA  A C4     1 
ATOM   290 H "H5'"  . DA  A 1 9  ? -6.540  6.773   0.412   1.00 0.01 ? 9  DA  A "H5'"  1 
ATOM   291 H "H5''" . DA  A 1 9  ? -7.671  8.018   -0.147  1.00 0.01 ? 9  DA  A "H5''" 1 
ATOM   292 H "H4'"  . DA  A 1 9  ? -8.965  6.022   -0.146  1.00 0.01 ? 9  DA  A "H4'"  1 
ATOM   293 H "H3'"  . DA  A 1 9  ? -9.665  8.119   1.409   1.00 0.01 ? 9  DA  A "H3'"  1 
ATOM   294 H "H2'"  . DA  A 1 9  ? -8.760  7.555   3.446   1.00 0.01 ? 9  DA  A "H2'"  1 
ATOM   295 H "H2''" . DA  A 1 9  ? -10.294 6.651   3.623   1.00 0.01 ? 9  DA  A "H2''" 1 
ATOM   296 H "H1'"  . DA  A 1 9  ? -9.255  4.643   3.349   1.00 0.01 ? 9  DA  A "H1'"  1 
ATOM   297 H H8     . DA  A 1 9  ? -6.445  7.288   3.160   1.00 0.01 ? 9  DA  A H8     1 
ATOM   298 H H61    . DA  A 1 9  ? -3.652  5.485   6.671   1.00 0.01 ? 9  DA  A H61    1 
ATOM   299 H H62    . DA  A 1 9  ? -3.799  4.090   7.716   1.00 0.01 ? 9  DA  A H62    1 
ATOM   300 H H2     . DA  A 1 9  ? -7.623  2.012   6.578   1.00 0.01 ? 9  DA  A H2     1 
ATOM   301 P P      . DA  A 1 10 ? -12.344 7.050   1.932   1.00 0.01 ? 10 DA  A P      1 
ATOM   302 O OP1    . DA  A 1 10 ? -13.248 7.558   0.877   1.00 0.02 ? 10 DA  A OP1    1 
ATOM   303 O OP2    . DA  A 1 10 ? -11.971 7.930   3.064   1.00 0.01 ? 10 DA  A OP2    1 
ATOM   304 O "O5'"  . DA  A 1 10 ? -12.989 5.711   2.556   1.00 0.01 ? 10 DA  A "O5'"  1 
ATOM   305 C "C5'"  . DA  A 1 10 ? -12.181 4.693   3.171   1.00 0.01 ? 10 DA  A "C5'"  1 
ATOM   306 C "C4'"  . DA  A 1 10 ? -12.983 3.963   4.249   1.00 0.01 ? 10 DA  A "C4'"  1 
ATOM   307 O "O4'"  . DA  A 1 10 ? -12.118 3.388   5.254   1.00 0.01 ? 10 DA  A "O4'"  1 
ATOM   308 C "C3'"  . DA  A 1 10 ? -13.910 4.938   4.949   1.00 0.01 ? 10 DA  A "C3'"  1 
ATOM   309 O "O3'"  . DA  A 1 10 ? -15.231 4.383   5.051   1.00 0.01 ? 10 DA  A "O3'"  1 
ATOM   310 C "C2'"  . DA  A 1 10 ? -13.299 5.199   6.312   1.00 0.01 ? 10 DA  A "C2'"  1 
ATOM   311 C "C1'"  . DA  A 1 10 ? -12.227 4.135   6.491   1.00 0.01 ? 10 DA  A "C1'"  1 
ATOM   312 N N9     . DA  A 1 10 ? -10.929 4.752   6.831   1.00 0.01 ? 10 DA  A N9     1 
ATOM   313 C C8     . DA  A 1 10 ? -10.329 5.854   6.310   1.00 0.01 ? 10 DA  A C8     1 
ATOM   314 N N7     . DA  A 1 10 ? -9.180  6.189   6.790   1.00 0.01 ? 10 DA  A N7     1 
ATOM   315 C C5     . DA  A 1 10 ? -8.975  5.194   7.750   1.00 0.01 ? 10 DA  A C5     1 
ATOM   316 C C6     . DA  A 1 10 ? -7.929  4.944   8.642   1.00 0.01 ? 10 DA  A C6     1 
ATOM   317 N N6     . DA  A 1 10 ? -6.844  5.712   8.714   1.00 0.01 ? 10 DA  A N6     1 
ATOM   318 N N1     . DA  A 1 10 ? -8.043  3.874   9.450   1.00 0.01 ? 10 DA  A N1     1 
ATOM   319 C C2     . DA  A 1 10 ? -9.126  3.093   9.382   1.00 0.01 ? 10 DA  A C2     1 
ATOM   320 N N3     . DA  A 1 10 ? -10.173 3.238   8.576   1.00 0.01 ? 10 DA  A N3     1 
ATOM   321 C C4     . DA  A 1 10 ? -10.032 4.315   7.778   1.00 0.01 ? 10 DA  A C4     1 
ATOM   322 H "H5'"  . DA  A 1 10 ? -11.311 5.157   3.625   1.00 0.01 ? 10 DA  A "H5'"  1 
ATOM   323 H "H5''" . DA  A 1 10 ? -11.851 3.979   2.417   1.00 0.01 ? 10 DA  A "H5''" 1 
ATOM   324 H "H4'"  . DA  A 1 10 ? -13.572 3.169   3.786   1.00 0.01 ? 10 DA  A "H4'"  1 
ATOM   325 H "H3'"  . DA  A 1 10 ? -13.947 5.871   4.377   1.00 0.01 ? 10 DA  A "H3'"  1 
ATOM   326 H "H2'"  . DA  A 1 10 ? -12.852 6.194   6.346   1.00 0.01 ? 10 DA  A "H2'"  1 
ATOM   327 H "H2''" . DA  A 1 10 ? -14.054 5.102   7.088   1.00 0.01 ? 10 DA  A "H2''" 1 
ATOM   328 H "H1'"  . DA  A 1 10 ? -12.529 3.467   7.307   1.00 0.01 ? 10 DA  A "H1'"  1 
ATOM   329 H H8     . DA  A 1 10 ? -10.798 6.429   5.511   1.00 0.01 ? 10 DA  A H8     1 
ATOM   330 H H61    . DA  A 1 10 ? -6.751  6.511   8.104   1.00 0.01 ? 10 DA  A H61    1 
ATOM   331 H H62    . DA  A 1 10 ? -6.113  5.494   9.376   1.00 0.01 ? 10 DA  A H62    1 
ATOM   332 H H2     . DA  A 1 10 ? -9.153  2.237   10.058  1.00 0.01 ? 10 DA  A H2     1 
ATOM   333 P P      . DG  A 1 11 ? -16.313 4.967   6.093   1.00 0.01 ? 11 DG  A P      1 
ATOM   334 O OP1    . DG  A 1 11 ? -17.651 4.470   5.703   1.00 0.01 ? 11 DG  A OP1    1 
ATOM   335 O OP2    . DG  A 1 11 ? -16.081 6.422   6.246   1.00 0.01 ? 11 DG  A OP2    1 
ATOM   336 O "O5'"  . DG  A 1 11 ? -15.882 4.240   7.465   1.00 0.01 ? 11 DG  A "O5'"  1 
ATOM   337 C "C5'"  . DG  A 1 11 ? -16.131 2.841   7.655   1.00 0.01 ? 11 DG  A "C5'"  1 
ATOM   338 C "C4'"  . DG  A 1 11 ? -15.909 2.419   9.106   1.00 0.01 ? 11 DG  A "C4'"  1 
ATOM   339 O "O4'"  . DG  A 1 11 ? -14.512 2.442   9.451   1.00 0.01 ? 11 DG  A "O4'"  1 
ATOM   340 C "C3'"  . DG  A 1 11 ? -16.643 3.349   10.056  1.00 0.01 ? 11 DG  A "C3'"  1 
ATOM   341 O "O3'"  . DG  A 1 11 ? -17.779 2.699   10.639  1.00 0.01 ? 11 DG  A "O3'"  1 
ATOM   342 C "C2'"  . DG  A 1 11 ? -15.646 3.752   11.115  1.00 0.01 ? 11 DG  A "C2'"  1 
ATOM   343 C "C1'"  . DG  A 1 11 ? -14.310 3.182   10.674  1.00 0.01 ? 11 DG  A "C1'"  1 
ATOM   344 N N9     . DG  A 1 11 ? -13.329 4.262   10.468  1.00 0.01 ? 11 DG  A N9     1 
ATOM   345 C C8     . DG  A 1 11 ? -13.393 5.317   9.629   1.00 0.01 ? 11 DG  A C8     1 
ATOM   346 N N7     . DG  A 1 11 ? -12.408 6.151   9.634   1.00 0.01 ? 11 DG  A N7     1 
ATOM   347 C C5     . DG  A 1 11 ? -11.566 5.590   10.598  1.00 0.01 ? 11 DG  A C5     1 
ATOM   348 C C6     . DG  A 1 11 ? -10.326 6.059   11.107  1.00 0.01 ? 11 DG  A C6     1 
ATOM   349 O O6     . DG  A 1 11 ? -9.694  7.062   10.775  1.00 0.01 ? 11 DG  A O6     1 
ATOM   350 N N1     . DG  A 1 11 ? -9.837  5.226   12.106  1.00 0.01 ? 11 DG  A N1     1 
ATOM   351 C C2     . DG  A 1 11 ? -10.459 4.080   12.561  1.00 0.01 ? 11 DG  A C2     1 
ATOM   352 N N2     . DG  A 1 11 ? -9.827  3.406   13.523  1.00 0.01 ? 11 DG  A N2     1 
ATOM   353 N N3     . DG  A 1 11 ? -11.627 3.632   12.090  1.00 0.01 ? 11 DG  A N3     1 
ATOM   354 C C4     . DG  A 1 11 ? -12.124 4.429   11.116  1.00 0.01 ? 11 DG  A C4     1 
ATOM   355 H "H5'"  . DG  A 1 11 ? -15.464 2.268   7.011   1.00 0.01 ? 11 DG  A "H5'"  1 
ATOM   356 H "H5''" . DG  A 1 11 ? -17.163 2.627   7.378   1.00 0.01 ? 11 DG  A "H5''" 1 
ATOM   357 H "H4'"  . DG  A 1 11 ? -16.289 1.409   9.241   1.00 0.01 ? 11 DG  A "H4'"  1 
ATOM   358 H "H3'"  . DG  A 1 11 ? -16.965 4.238   9.512   1.00 0.01 ? 11 DG  A "H3'"  1 
ATOM   359 H "HO3'" . DG  A 1 11 ? -18.422 2.498   9.953   1.00 0.01 ? 11 DG  A "HO3'" 1 
ATOM   360 H "H2'"  . DG  A 1 11 ? -15.582 4.834   11.183  1.00 0.01 ? 11 DG  A "H2'"  1 
ATOM   361 H "H2''" . DG  A 1 11 ? -15.928 3.333   12.076  1.00 0.01 ? 11 DG  A "H2''" 1 
ATOM   362 H "H1'"  . DG  A 1 11 ? -13.947 2.513   11.448  1.00 0.01 ? 11 DG  A "H1'"  1 
ATOM   363 H H8     . DG  A 1 11 ? -14.248 5.449   8.970   1.00 0.01 ? 11 DG  A H8     1 
ATOM   364 H H1     . DG  A 1 11 ? -8.960  5.503   12.523  1.00 0.01 ? 11 DG  A H1     1 
ATOM   365 H H21    . DG  A 1 11 ? -8.947  3.744   13.883  1.00 0.01 ? 11 DG  A H21    1 
ATOM   366 H H22    . DG  A 1 11 ? -10.231 2.556   13.893  1.00 0.01 ? 11 DG  A H22    1 
ATOM   367 O "O5'"  . DC  B 2 1  ? -4.091  7.941   17.477  1.00 0.02 ? 12 DC  B "O5'"  1 
ATOM   368 C "C5'"  . DC  B 2 1  ? -4.177  7.120   18.645  1.00 0.02 ? 12 DC  B "C5'"  1 
ATOM   369 C "C4'"  . DC  B 2 1  ? -4.312  5.656   18.236  1.00 0.02 ? 12 DC  B "C4'"  1 
ATOM   370 O "O4'"  . DC  B 2 1  ? -5.537  5.437   17.511  1.00 0.02 ? 12 DC  B "O4'"  1 
ATOM   371 C "C3'"  . DC  B 2 1  ? -3.150  5.237   17.349  1.00 0.02 ? 12 DC  B "C3'"  1 
ATOM   372 O "O3'"  . DC  B 2 1  ? -2.430  4.134   17.937  1.00 0.02 ? 12 DC  B "O3'"  1 
ATOM   373 C "C2'"  . DC  B 2 1  ? -3.746  4.869   16.019  1.00 0.02 ? 12 DC  B "C2'"  1 
ATOM   374 C "C1'"  . DC  B 2 1  ? -5.254  4.938   16.191  1.00 0.02 ? 12 DC  B "C1'"  1 
ATOM   375 N N1     . DC  B 2 1  ? -5.817  5.827   15.167  1.00 0.01 ? 12 DC  B N1     1 
ATOM   376 C C2     . DC  B 2 1  ? -6.983  5.441   14.524  1.00 0.01 ? 12 DC  B C2     1 
ATOM   377 O O2     . DC  B 2 1  ? -7.538  4.383   14.820  1.00 0.01 ? 12 DC  B O2     1 
ATOM   378 N N3     . DC  B 2 1  ? -7.483  6.261   13.559  1.00 0.01 ? 12 DC  B N3     1 
ATOM   379 C C4     . DC  B 2 1  ? -6.866  7.410   13.244  1.00 0.01 ? 12 DC  B C4     1 
ATOM   380 N N4     . DC  B 2 1  ? -7.382  8.186   12.288  1.00 0.01 ? 12 DC  B N4     1 
ATOM   381 C C5     . DC  B 2 1  ? -5.660  7.807   13.914  1.00 0.01 ? 12 DC  B C5     1 
ATOM   382 C C6     . DC  B 2 1  ? -5.177  6.983   14.864  1.00 0.02 ? 12 DC  B C6     1 
ATOM   383 H "H5'"  . DC  B 2 1  ? -5.051  7.412   19.217  1.00 0.02 ? 12 DC  B "H5'"  1 
ATOM   384 H "H5''" . DC  B 2 1  ? -3.280  7.251   19.256  1.00 0.02 ? 12 DC  B "H5''" 1 
ATOM   385 H "H4'"  . DC  B 2 1  ? -4.316  5.035   19.132  1.00 0.02 ? 12 DC  B "H4'"  1 
ATOM   386 H "H3'"  . DC  B 2 1  ? -2.482  6.090   17.205  1.00 0.02 ? 12 DC  B "H3'"  1 
ATOM   387 H "H2'"  . DC  B 2 1  ? -3.423  5.585   15.264  1.00 0.02 ? 12 DC  B "H2'"  1 
ATOM   388 H "H2''" . DC  B 2 1  ? -3.448  3.876   15.735  1.00 0.02 ? 12 DC  B "H2''" 1 
ATOM   389 H "H1'"  . DC  B 2 1  ? -5.682  3.944   16.077  1.00 0.01 ? 12 DC  B "H1'"  1 
ATOM   390 H H41    . DC  B 2 1  ? -8.231  7.908   11.815  1.00 0.01 ? 12 DC  B H41    1 
ATOM   391 H H42    . DC  B 2 1  ? -6.925  9.051   12.038  1.00 0.01 ? 12 DC  B H42    1 
ATOM   392 H H5     . DC  B 2 1  ? -5.156  8.741   13.663  1.00 0.02 ? 12 DC  B H5     1 
ATOM   393 H H6     . DC  B 2 1  ? -4.241  7.222   15.394  1.00 0.02 ? 12 DC  B H6     1 
ATOM   394 H "HO5'" . DC  B 2 1  ? -4.986  8.068   17.152  1.00 0.02 ? 12 DC  B "HO5'" 1 
ATOM   395 P P      . DT  B 2 2  ? -1.508  3.129   17.059  1.00 0.02 ? 13 DT  B P      1 
ATOM   396 O OP1    . DT  B 2 2  ? -0.716  2.298   17.992  1.00 0.02 ? 13 DT  B OP1    1 
ATOM   397 O OP2    . DT  B 2 2  ? -0.820  3.925   16.018  1.00 0.02 ? 13 DT  B OP2    1 
ATOM   398 O "O5'"  . DT  B 2 2  ? -2.595  2.178   16.329  1.00 0.02 ? 13 DT  B "O5'"  1 
ATOM   399 C "C5'"  . DT  B 2 2  ? -3.811  1.822   17.000  1.00 0.02 ? 13 DT  B "C5'"  1 
ATOM   400 C "C4'"  . DT  B 2 2  ? -4.570  0.686   16.325  1.00 0.02 ? 13 DT  B "C4'"  1 
ATOM   401 O "O4'"  . DT  B 2 2  ? -5.544  1.225   15.415  1.00 0.02 ? 13 DT  B "O4'"  1 
ATOM   402 C "C3'"  . DT  B 2 2  ? -3.644  -0.218  15.531  1.00 0.02 ? 13 DT  B "C3'"  1 
ATOM   403 O "O3'"  . DT  B 2 2  ? -4.024  -1.597  15.709  1.00 0.02 ? 13 DT  B "O3'"  1 
ATOM   404 C "C2'"  . DT  B 2 2  ? -3.808  0.232   14.099  1.00 0.02 ? 13 DT  B "C2'"  1 
ATOM   405 C "C1'"  . DT  B 2 2  ? -5.169  0.921   14.061  1.00 0.01 ? 13 DT  B "C1'"  1 
ATOM   406 N N1     . DT  B 2 2  ? -5.124  2.149   13.241  1.00 0.01 ? 13 DT  B N1     1 
ATOM   407 C C2     . DT  B 2 2  ? -6.092  2.314   12.261  1.00 0.01 ? 13 DT  B C2     1 
ATOM   408 O O2     . DT  B 2 2  ? -6.994  1.498   12.080  1.00 0.01 ? 13 DT  B O2     1 
ATOM   409 N N3     . DT  B 2 2  ? -5.992  3.461   11.499  1.00 0.01 ? 13 DT  B N3     1 
ATOM   410 C C4     . DT  B 2 2  ? -5.025  4.441   11.625  1.00 0.01 ? 13 DT  B C4     1 
ATOM   411 O O4     . DT  B 2 2  ? -5.029  5.423   10.888  1.00 0.01 ? 13 DT  B O4     1 
ATOM   412 C C5     . DT  B 2 2  ? -4.061  4.187   12.672  1.00 0.01 ? 13 DT  B C5     1 
ATOM   413 C C7     . DT  B 2 2  ? -2.924  5.182   12.898  1.00 0.02 ? 13 DT  B C7     1 
ATOM   414 C C6     . DT  B 2 2  ? -4.141  3.075   13.436  1.00 0.01 ? 13 DT  B C6     1 
ATOM   415 H "H5'"  . DT  B 2 2  ? -4.458  2.690   16.994  1.00 0.02 ? 13 DT  B "H5'"  1 
ATOM   416 H "H5''" . DT  B 2 2  ? -3.585  1.543   18.032  1.00 0.02 ? 13 DT  B "H5''" 1 
ATOM   417 H "H4'"  . DT  B 2 2  ? -5.084  0.097   17.082  1.00 0.02 ? 13 DT  B "H4'"  1 
ATOM   418 H "H3'"  . DT  B 2 2  ? -2.611  -0.066  15.854  1.00 0.02 ? 13 DT  B "H3'"  1 
ATOM   419 H "H2'"  . DT  B 2 2  ? -3.019  0.938   13.845  1.00 0.02 ? 13 DT  B "H2'"  1 
ATOM   420 H "H2''" . DT  B 2 2  ? -3.790  -0.614  13.420  1.00 0.02 ? 13 DT  B "H2''" 1 
ATOM   421 H "H1'"  . DT  B 2 2  ? -5.899  0.239   13.640  1.00 0.01 ? 13 DT  B "H1'"  1 
ATOM   422 H H3     . DT  B 2 2  ? -6.692  3.597   10.782  1.00 0.01 ? 13 DT  B H3     1 
ATOM   423 H H71    . DT  B 2 2  ? -2.209  4.764   13.607  1.00 0.02 ? 13 DT  B H71    1 
ATOM   424 H H72    . DT  B 2 2  ? -3.329  6.113   13.295  1.00 0.02 ? 13 DT  B H72    1 
ATOM   425 H H73    . DT  B 2 2  ? -2.423  5.380   11.951  1.00 0.02 ? 13 DT  B H73    1 
ATOM   426 H H6     . DT  B 2 2  ? -3.424  2.919   14.244  1.00 0.02 ? 13 DT  B H6     1 
ATOM   427 P P      . DT  B 2 3  ? -3.638  -2.742  14.637  1.00 0.02 ? 14 DT  B P      1 
ATOM   428 O OP1    . DT  B 2 3  ? -3.837  -4.061  15.278  1.00 0.02 ? 14 DT  B OP1    1 
ATOM   429 O OP2    . DT  B 2 3  ? -2.324  -2.403  14.043  1.00 0.02 ? 14 DT  B OP2    1 
ATOM   430 O "O5'"  . DT  B 2 3  ? -4.768  -2.555  13.500  1.00 0.02 ? 14 DT  B "O5'"  1 
ATOM   431 C "C5'"  . DT  B 2 3  ? -6.152  -2.766  13.810  1.00 0.02 ? 14 DT  B "C5'"  1 
ATOM   432 C "C4'"  . DT  B 2 3  ? -7.053  -2.608  12.582  1.00 0.02 ? 14 DT  B "C4'"  1 
ATOM   433 O "O4'"  . DT  B 2 3  ? -6.954  -1.275  12.030  1.00 0.01 ? 14 DT  B "O4'"  1 
ATOM   434 C "C3'"  . DT  B 2 3  ? -6.669  -3.592  11.479  1.00 0.02 ? 14 DT  B "C3'"  1 
ATOM   435 O "O3'"  . DT  B 2 3  ? -7.811  -4.352  11.053  1.00 0.02 ? 14 DT  B "O3'"  1 
ATOM   436 C "C2'"  . DT  B 2 3  ? -6.126  -2.754  10.352  1.00 0.02 ? 14 DT  B "C2'"  1 
ATOM   437 C "C1'"  . DT  B 2 3  ? -6.664  -1.358  10.618  1.00 0.01 ? 14 DT  B "C1'"  1 
ATOM   438 N N1     . DT  B 2 3  ? -5.705  -0.314  10.195  1.00 0.01 ? 14 DT  B N1     1 
ATOM   439 C C2     . DT  B 2 3  ? -6.126  0.573   9.219   1.00 0.01 ? 14 DT  B C2     1 
ATOM   440 O O2     . DT  B 2 3  ? -7.242  0.509   8.707   1.00 0.01 ? 14 DT  B O2     1 
ATOM   441 N N3     . DT  B 2 3  ? -5.216  1.540   8.846   1.00 0.01 ? 14 DT  B N3     1 
ATOM   442 C C4     . DT  B 2 3  ? -3.941  1.701   9.350   1.00 0.01 ? 14 DT  B C4     1 
ATOM   443 O O4     . DT  B 2 3  ? -3.220  2.609   8.943   1.00 0.01 ? 14 DT  B O4     1 
ATOM   444 C C5     . DT  B 2 3  ? -3.583  0.732   10.361  1.00 0.01 ? 14 DT  B C5     1 
ATOM   445 C C7     . DT  B 2 3  ? -2.196  0.789   10.995  1.00 0.01 ? 14 DT  B C7     1 
ATOM   446 C C6     . DT  B 2 3  ? -4.454  -0.225  10.748  1.00 0.01 ? 14 DT  B C6     1 
ATOM   447 H "H5'"  . DT  B 2 3  ? -6.459  -2.044  14.567  1.00 0.02 ? 14 DT  B "H5'"  1 
ATOM   448 H "H5''" . DT  B 2 3  ? -6.275  -3.772  14.212  1.00 0.02 ? 14 DT  B "H5''" 1 
ATOM   449 H "H4'"  . DT  B 2 3  ? -8.087  -2.794  12.881  1.00 0.02 ? 14 DT  B "H4'"  1 
ATOM   450 H "H3'"  . DT  B 2 3  ? -5.883  -4.259  11.838  1.00 0.02 ? 14 DT  B "H3'"  1 
ATOM   451 H "H2'"  . DT  B 2 3  ? -5.041  -2.762  10.389  1.00 0.02 ? 14 DT  B "H2'"  1 
ATOM   452 H "H2''" . DT  B 2 3  ? -6.478  -3.121  9.390   1.00 0.02 ? 14 DT  B "H2''" 1 
ATOM   453 H "H1'"  . DT  B 2 3  ? -7.591  -1.230  10.053  1.00 0.01 ? 14 DT  B "H1'"  1 
ATOM   454 H H3     . DT  B 2 3  ? -5.510  2.190   8.130   1.00 0.01 ? 14 DT  B H3     1 
ATOM   455 H H71    . DT  B 2 3  ? -1.718  -0.187  10.913  1.00 0.01 ? 14 DT  B H71    1 
ATOM   456 H H72    . DT  B 2 3  ? -2.287  1.062   12.045  1.00 0.01 ? 14 DT  B H72    1 
ATOM   457 H H73    . DT  B 2 3  ? -1.591  1.534   10.479  1.00 0.01 ? 14 DT  B H73    1 
ATOM   458 H H6     . DT  B 2 3  ? -4.158  -0.940  11.514  1.00 0.01 ? 14 DT  B H6     1 
ATOM   459 P P      . DC  B 2 4  ? -7.743  -5.306  9.753   1.00 0.02 ? 15 DC  B P      1 
ATOM   460 O OP1    . DC  B 2 4  ? -8.930  -6.191  9.765   1.00 0.02 ? 15 DC  B OP1    1 
ATOM   461 O OP2    . DC  B 2 4  ? -6.387  -5.897  9.681   1.00 0.02 ? 15 DC  B OP2    1 
ATOM   462 O "O5'"  . DC  B 2 4  ? -7.899  -4.266  8.527   1.00 0.02 ? 15 DC  B "O5'"  1 
ATOM   463 C "C5'"  . DC  B 2 4  ? -9.188  -3.771  8.134   1.00 0.02 ? 15 DC  B "C5'"  1 
ATOM   464 C "C4'"  . DC  B 2 4  ? -9.233  -3.452  6.645   1.00 0.01 ? 15 DC  B "C4'"  1 
ATOM   465 O "O4'"  . DC  B 2 4  ? -8.518  -2.233  6.353   1.00 0.01 ? 15 DC  B "O4'"  1 
ATOM   466 C "C3'"  . DC  B 2 4  ? -8.587  -4.575  5.845   1.00 0.01 ? 15 DC  B "C3'"  1 
ATOM   467 O "O3'"  . DC  B 2 4  ? -9.436  -4.955  4.744   1.00 0.01 ? 15 DC  B "O3'"  1 
ATOM   468 C "C2'"  . DC  B 2 4  ? -7.260  -4.017  5.391   1.00 0.01 ? 15 DC  B "C2'"  1 
ATOM   469 C "C1'"  . DC  B 2 4  ? -7.448  -2.508  5.427   1.00 0.01 ? 15 DC  B "C1'"  1 
ATOM   470 N N1     . DC  B 2 4  ? -6.208  -1.790  5.824   1.00 0.01 ? 15 DC  B N1     1 
ATOM   471 C C2     . DC  B 2 4  ? -5.818  -0.701  5.047   1.00 0.01 ? 15 DC  B C2     1 
ATOM   472 O O2     . DC  B 2 4  ? -6.478  -0.364  4.066   1.00 0.01 ? 15 DC  B O2     1 
ATOM   473 N N3     . DC  B 2 4  ? -4.695  -0.021  5.406   1.00 0.01 ? 15 DC  B N3     1 
ATOM   474 C C4     . DC  B 2 4  ? -3.982  -0.383  6.479   1.00 0.01 ? 15 DC  B C4     1 
ATOM   475 N N4     . DC  B 2 4  ? -2.891  0.310   6.803   1.00 0.01 ? 15 DC  B N4     1 
ATOM   476 C C5     . DC  B 2 4  ? -4.376  -1.499  7.280   1.00 0.01 ? 15 DC  B C5     1 
ATOM   477 C C6     . DC  B 2 4  ? -5.488  -2.170  6.921   1.00 0.01 ? 15 DC  B C6     1 
ATOM   478 H "H5'"  . DC  B 2 4  ? -9.414  -2.866  8.697   1.00 0.01 ? 15 DC  B "H5'"  1 
ATOM   479 H "H5''" . DC  B 2 4  ? -9.939  -4.524  8.350   1.00 0.02 ? 15 DC  B "H5''" 1 
ATOM   480 H "H4'"  . DC  B 2 4  ? -10.276 -3.342  6.337   1.00 0.01 ? 15 DC  B "H4'"  1 
ATOM   481 H "H3'"  . DC  B 2 4  ? -8.411  -5.435  6.494   1.00 0.02 ? 15 DC  B "H3'"  1 
ATOM   482 H "H2'"  . DC  B 2 4  ? -6.484  -4.321  6.090   1.00 0.01 ? 15 DC  B "H2'"  1 
ATOM   483 H "H2''" . DC  B 2 4  ? -7.015  -4.351  4.386   1.00 0.01 ? 15 DC  B "H2''" 1 
ATOM   484 H "H1'"  . DC  B 2 4  ? -7.744  -2.178  4.435   1.00 0.01 ? 15 DC  B "H1'"  1 
ATOM   485 H H41    . DC  B 2 4  ? -2.609  1.101   6.241   1.00 0.01 ? 15 DC  B H41    1 
ATOM   486 H H42    . DC  B 2 4  ? -2.347  0.046   7.612   1.00 0.01 ? 15 DC  B H42    1 
ATOM   487 H H5     . DC  B 2 4  ? -3.796  -1.799  8.153   1.00 0.01 ? 15 DC  B H5     1 
ATOM   488 H H6     . DC  B 2 4  ? -5.817  -3.019  7.513   1.00 0.01 ? 15 DC  B H6     1 
ATOM   489 P P      . DT  B 2 5  ? -8.853  -5.606  3.386   1.00 0.02 ? 16 DT  B P      1 
ATOM   490 O OP1    . DT  B 2 5  ? -9.957  -6.313  2.698   1.00 0.02 ? 16 DT  B OP1    1 
ATOM   491 O OP2    . DT  B 2 5  ? -7.602  -6.331  3.709   1.00 0.02 ? 16 DT  B OP2    1 
ATOM   492 O "O5'"  . DT  B 2 5  ? -8.473  -4.301  2.522   1.00 0.01 ? 16 DT  B "O5'"  1 
ATOM   493 C "C5'"  . DT  B 2 5  ? -9.479  -3.339  2.188   1.00 0.01 ? 16 DT  B "C5'"  1 
ATOM   494 C "C4'"  . DT  B 2 5  ? -8.950  -2.267  1.239   1.00 0.01 ? 16 DT  B "C4'"  1 
ATOM   495 O "O4'"  . DT  B 2 5  ? -7.883  -1.514  1.852   1.00 0.01 ? 16 DT  B "O4'"  1 
ATOM   496 C "C3'"  . DT  B 2 5  ? -8.401  -2.891  -0.036  1.00 0.01 ? 16 DT  B "C3'"  1 
ATOM   497 O "O3'"  . DT  B 2 5  ? -8.936  -2.216  -1.188  1.00 0.01 ? 16 DT  B "O3'"  1 
ATOM   498 C "C2'"  . DT  B 2 5  ? -6.899  -2.732  0.057   1.00 0.01 ? 16 DT  B "C2'"  1 
ATOM   499 C "C1'"  . DT  B 2 5  ? -6.701  -1.592  1.029   1.00 0.01 ? 16 DT  B "C1'"  1 
ATOM   500 N N1     . DT  B 2 5  ? -5.493  -1.803  1.847   1.00 0.01 ? 16 DT  B N1     1 
ATOM   501 C C2     . DT  B 2 5  ? -4.470  -0.879  1.727   1.00 0.01 ? 16 DT  B C2     1 
ATOM   502 O O2     . DT  B 2 5  ? -4.544  0.094   0.979   1.00 0.01 ? 16 DT  B O2     1 
ATOM   503 N N3     . DT  B 2 5  ? -3.351  -1.116  2.495   1.00 0.01 ? 16 DT  B N3     1 
ATOM   504 C C4     . DT  B 2 5  ? -3.161  -2.174  3.361   1.00 0.01 ? 16 DT  B C4     1 
ATOM   505 O O4     . DT  B 2 5  ? -2.118  -2.274  4.004   1.00 0.01 ? 16 DT  B O4     1 
ATOM   506 C C5     . DT  B 2 5  ? -4.279  -3.088  3.424   1.00 0.01 ? 16 DT  B C5     1 
ATOM   507 C C7     . DT  B 2 5  ? -4.195  -4.308  4.337   1.00 0.01 ? 16 DT  B C7     1 
ATOM   508 C C6     . DT  B 2 5  ? -5.389  -2.879  2.685   1.00 0.01 ? 16 DT  B C6     1 
ATOM   509 H "H5'"  . DT  B 2 5  ? -9.831  -2.860  3.103   1.00 0.01 ? 16 DT  B "H5'"  1 
ATOM   510 H "H5''" . DT  B 2 5  ? -10.315 -3.851  1.712   1.00 0.01 ? 16 DT  B "H5''" 1 
ATOM   511 H "H4'"  . DT  B 2 5  ? -9.761  -1.586  0.981   1.00 0.01 ? 16 DT  B "H4'"  1 
ATOM   512 H "H3'"  . DT  B 2 5  ? -8.657  -3.953  -0.070  1.00 0.01 ? 16 DT  B "H3'"  1 
ATOM   513 H "H2'"  . DT  B 2 5  ? -6.452  -3.638  0.458   1.00 0.01 ? 16 DT  B "H2'"  1 
ATOM   514 H "H2''" . DT  B 2 5  ? -6.468  -2.490  -0.913  1.00 0.01 ? 16 DT  B "H2''" 1 
ATOM   515 H "H1'"  . DT  B 2 5  ? -6.593  -0.671  0.463   1.00 0.01 ? 16 DT  B "H1'"  1 
ATOM   516 H H3     . DT  B 2 5  ? -2.602  -0.444  2.424   1.00 0.01 ? 16 DT  B H3     1 
ATOM   517 H H71    . DT  B 2 5  ? -4.634  -5.171  3.835   1.00 0.02 ? 16 DT  B H71    1 
ATOM   518 H H72    . DT  B 2 5  ? -4.737  -4.110  5.259   1.00 0.01 ? 16 DT  B H72    1 
ATOM   519 H H73    . DT  B 2 5  ? -3.151  -4.517  4.570   1.00 0.02 ? 16 DT  B H73    1 
ATOM   520 H H6     . DT  B 2 5  ? -6.227  -3.573  2.760   1.00 0.01 ? 16 DT  B H6     1 
ATOM   521 P P      . DG  B 2 6  ? -8.264  -2.366  -2.646  1.00 0.01 ? 17 DG  B P      1 
ATOM   522 O OP1    . DG  B 2 6  ? -9.305  -2.101  -3.665  1.00 0.01 ? 17 DG  B OP1    1 
ATOM   523 O OP2    . DG  B 2 6  ? -7.504  -3.636  -2.685  1.00 0.01 ? 17 DG  B OP2    1 
ATOM   524 O "O5'"  . DG  B 2 6  ? -7.207  -1.147  -2.676  1.00 0.01 ? 17 DG  B "O5'"  1 
ATOM   525 C "C5'"  . DG  B 2 6  ? -7.644  0.205   -2.888  1.00 0.01 ? 17 DG  B "C5'"  1 
ATOM   526 C "C4'"  . DG  B 2 6  ? -6.597  1.011   -3.656  1.00 0.02 ? 17 DG  B "C4'"  1 
ATOM   527 O "O4'"  . DG  B 2 6  ? -5.490  1.372   -2.807  1.00 0.02 ? 17 DG  B "O4'"  1 
ATOM   528 C "C3'"  . DG  B 2 6  ? -6.055  0.183   -4.811  1.00 0.02 ? 17 DG  B "C3'"  1 
ATOM   529 O "O3'"  . DG  B 2 6  ? -6.392  0.736   -6.101  1.00 0.03 ? 17 DG  B "O3'"  1 
ATOM   530 C "C2'"  . DG  B 2 6  ? -4.559  0.097   -4.624  1.00 0.02 ? 17 DG  B "C2'"  1 
ATOM   531 C "C1'"  . DG  B 2 6  ? -4.249  0.880   -3.356  1.00 0.02 ? 17 DG  B "C1'"  1 
ATOM   532 N N9     . DG  B 2 6  ? -3.567  0.010   -2.387  1.00 0.02 ? 17 DG  B N9     1 
ATOM   533 C C8     . DG  B 2 6  ? -3.930  -1.211  -1.935  1.00 0.02 ? 17 DG  B C8     1 
ATOM   534 N N7     . DG  B 2 6  ? -3.165  -1.785  -1.069  1.00 0.02 ? 17 DG  B N7     1 
ATOM   535 C C5     . DG  B 2 6  ? -2.150  -0.833  -0.915  1.00 0.02 ? 17 DG  B C5     1 
ATOM   536 C C6     . DG  B 2 6  ? -0.985  -0.871  -0.105  1.00 0.02 ? 17 DG  B C6     1 
ATOM   537 O O6     . DG  B 2 6  ? -0.621  -1.758  0.660   1.00 0.02 ? 17 DG  B O6     1 
ATOM   538 N N1     . DG  B 2 6  ? -0.218  0.277   -0.256  1.00 0.02 ? 17 DG  B N1     1 
ATOM   539 C C2     . DG  B 2 6  ? -0.530  1.337   -1.085  1.00 0.02 ? 17 DG  B C2     1 
ATOM   540 N N2     . DG  B 2 6  ? 0.329   2.356   -1.089  1.00 0.03 ? 17 DG  B N2     1 
ATOM   541 N N3     . DG  B 2 6  ? -1.625  1.381   -1.853  1.00 0.02 ? 17 DG  B N3     1 
ATOM   542 C C4     . DG  B 2 6  ? -2.389  0.271   -1.720  1.00 0.02 ? 17 DG  B C4     1 
ATOM   543 H "H5'"  . DG  B 2 6  ? -7.825  0.680   -1.923  1.00 0.01 ? 17 DG  B "H5'"  1 
ATOM   544 H "H5''" . DG  B 2 6  ? -8.572  0.193   -3.459  1.00 0.02 ? 17 DG  B "H5''" 1 
ATOM   545 H "H4'"  . DG  B 2 6  ? -7.059  1.918   -4.046  1.00 0.02 ? 17 DG  B "H4'"  1 
ATOM   546 H "H3'"  . DG  B 2 6  ? -6.474  -0.824  -4.738  1.00 0.02 ? 17 DG  B "H3'"  1 
ATOM   547 H "H2'"  . DG  B 2 6  ? -4.248  -0.945  -4.496  1.00 0.02 ? 17 DG  B "H2'"  1 
ATOM   548 H "H2''" . DG  B 2 6  ? -4.054  0.541   -5.476  1.00 0.03 ? 17 DG  B "H2''" 1 
ATOM   549 H "H1'"  . DG  B 2 6  ? -3.601  1.721   -3.600  1.00 0.02 ? 17 DG  B "H1'"  1 
ATOM   550 H H8     . DG  B 2 6  ? -4.837  -1.695  -2.302  1.00 0.02 ? 17 DG  B H8     1 
ATOM   551 H H1     . DG  B 2 6  ? 0.629   0.318   0.293   1.00 0.02 ? 17 DG  B H1     1 
ATOM   552 H H21    . DG  B 2 6  ? 1.155   2.322   -0.509  1.00 0.03 ? 17 DG  B H21    1 
ATOM   553 H H22    . DG  B 2 6  ? 0.152   3.162   -1.671  1.00 0.03 ? 17 DG  B H22    1 
ATOM   554 P P      . DG  B 2 7  ? -6.188  2.292   -6.511  1.00 0.03 ? 18 DG  B P      1 
ATOM   555 O OP1    . DG  B 2 7  ? -6.874  3.132   -5.503  1.00 0.04 ? 18 DG  B OP1    1 
ATOM   556 O OP2    . DG  B 2 7  ? -6.546  2.431   -7.940  1.00 0.04 ? 18 DG  B OP2    1 
ATOM   557 O "O5'"  . DG  B 2 7  ? -4.600  2.539   -6.380  1.00 0.02 ? 18 DG  B "O5'"  1 
ATOM   558 C "C5'"  . DG  B 2 7  ? -4.104  3.810   -5.934  1.00 0.04 ? 18 DG  B "C5'"  1 
ATOM   559 C "C4'"  . DG  B 2 7  ? -2.585  3.906   -6.047  1.00 0.04 ? 18 DG  B "C4'"  1 
ATOM   560 O "O4'"  . DG  B 2 7  ? -1.939  2.990   -5.141  1.00 0.04 ? 18 DG  B "O4'"  1 
ATOM   561 C "C3'"  . DG  B 2 7  ? -2.111  3.575   -7.463  1.00 0.04 ? 18 DG  B "C3'"  1 
ATOM   562 O "O3'"  . DG  B 2 7  ? -1.442  4.713   -8.045  1.00 0.07 ? 18 DG  B "O3'"  1 
ATOM   563 C "C2'"  . DG  B 2 7  ? -1.177  2.386   -7.308  1.00 0.03 ? 18 DG  B "C2'"  1 
ATOM   564 C "C1'"  . DG  B 2 7  ? -0.856  2.344   -5.826  1.00 0.04 ? 18 DG  B "C1'"  1 
ATOM   565 N N9     . DG  B 2 7  ? -0.666  0.960   -5.353  1.00 0.08 ? 18 DG  B N9     1 
ATOM   566 C C8     . DG  B 2 7  ? -1.445  -0.136  -5.521  1.00 0.12 ? 18 DG  B C8     1 
ATOM   567 N N7     . DG  B 2 7  ? -1.042  -1.243  -4.994  1.00 0.15 ? 18 DG  B N7     1 
ATOM   568 C C5     . DG  B 2 7  ? 0.158   -0.851  -4.396  1.00 0.15 ? 18 DG  B C5     1 
ATOM   569 C C6     . DG  B 2 7  ? 1.113   -1.622  -3.685  1.00 0.18 ? 18 DG  B C6     1 
ATOM   570 O O6     . DG  B 2 7  ? 1.070   -2.815  -3.402  1.00 0.21 ? 18 DG  B O6     1 
ATOM   571 N N1     . DG  B 2 7  ? 2.201   -0.854  -3.297  1.00 0.18 ? 18 DG  B N1     1 
ATOM   572 C C2     . DG  B 2 7  ? 2.359   0.493   -3.556  1.00 0.16 ? 18 DG  B C2     1 
ATOM   573 N N2     . DG  B 2 7  ? 3.479   1.056   -3.106  1.00 0.19 ? 18 DG  B N2     1 
ATOM   574 N N3     . DG  B 2 7  ? 1.466   1.225   -4.225  1.00 0.12 ? 18 DG  B N3     1 
ATOM   575 C C4     . DG  B 2 7  ? 0.395   0.497   -4.612  1.00 0.11 ? 18 DG  B C4     1 
ATOM   576 H "H5'"  . DG  B 2 7  ? -4.396  3.967   -4.897  1.00 0.06 ? 18 DG  B "H5'"  1 
ATOM   577 H "H5''" . DG  B 2 7  ? -4.550  4.592   -6.550  1.00 0.06 ? 18 DG  B "H5''" 1 
ATOM   578 H "H4'"  . DG  B 2 7  ? -2.275  4.922   -5.801  1.00 0.07 ? 18 DG  B "H4'"  1 
ATOM   579 H "H3'"  . DG  B 2 7  ? -2.973  3.297   -8.079  1.00 0.06 ? 18 DG  B "H3'"  1 
ATOM   580 H "H2'"  . DG  B 2 7  ? -1.678  1.464   -7.609  1.00 0.06 ? 18 DG  B "H2'"  1 
ATOM   581 H "H2''" . DG  B 2 7  ? -0.267  2.526   -7.888  1.00 0.04 ? 18 DG  B "H2''" 1 
ATOM   582 H "H1'"  . DG  B 2 7  ? 0.059   2.907   -5.647  1.00 0.06 ? 18 DG  B "H1'"  1 
ATOM   583 H H8     . DG  B 2 7  ? -2.372  -0.089  -6.091  1.00 0.12 ? 18 DG  B H8     1 
ATOM   584 H H1     . DG  B 2 7  ? 2.919   -1.337  -2.779  1.00 0.20 ? 18 DG  B H1     1 
ATOM   585 H H21    . DG  B 2 7  ? 4.156   0.502   -2.601  1.00 0.21 ? 18 DG  B H21    1 
ATOM   586 H H22    . DG  B 2 7  ? 3.653   2.038   -3.272  1.00 0.19 ? 18 DG  B H22    1 
ATOM   587 P P      . DT  B 2 8  ? -0.334  4.567   -9.218  1.00 0.08 ? 19 DT  B P      1 
ATOM   588 O OP1    . DT  B 2 8  ? -0.195  5.879   -9.888  1.00 0.12 ? 19 DT  B OP1    1 
ATOM   589 O OP2    . DT  B 2 8  ? -0.653  3.362   -10.018 1.00 0.09 ? 19 DT  B OP2    1 
ATOM   590 O "O5'"  . DT  B 2 8  ? 1.020   4.280   -8.386  1.00 0.05 ? 19 DT  B "O5'"  1 
ATOM   591 C "C5'"  . DT  B 2 8  ? 1.302   5.037   -7.201  1.00 0.05 ? 19 DT  B "C5'"  1 
ATOM   592 C "C4'"  . DT  B 2 8  ? 2.793   5.087   -6.859  1.00 0.04 ? 19 DT  B "C4'"  1 
ATOM   593 O "O4'"  . DT  B 2 8  ? 3.184   3.927   -6.102  1.00 0.04 ? 19 DT  B "O4'"  1 
ATOM   594 C "C3'"  . DT  B 2 8  ? 3.653   5.118   -8.110  1.00 0.03 ? 19 DT  B "C3'"  1 
ATOM   595 O "O3'"  . DT  B 2 8  ? 4.762   6.007   -7.926  1.00 0.03 ? 19 DT  B "O3'"  1 
ATOM   596 C "C2'"  . DT  B 2 8  ? 4.113   3.708   -8.294  1.00 0.02 ? 19 DT  B "C2'"  1 
ATOM   597 C "C1'"  . DT  B 2 8  ? 4.057   3.104   -6.897  1.00 0.02 ? 19 DT  B "C1'"  1 
ATOM   598 N N1     . DT  B 2 8  ? 3.560   1.720   -6.929  1.00 0.02 ? 19 DT  B N1     1 
ATOM   599 C C2     . DT  B 2 8  ? 4.307   0.752   -6.279  1.00 0.02 ? 19 DT  B C2     1 
ATOM   600 O O2     . DT  B 2 8  ? 5.358   1.009   -5.696  1.00 0.02 ? 19 DT  B O2     1 
ATOM   601 N N3     . DT  B 2 8  ? 3.803   -0.531  -6.328  1.00 0.02 ? 19 DT  B N3     1 
ATOM   602 C C4     . DT  B 2 8  ? 2.641   -0.926  -6.964  1.00 0.02 ? 19 DT  B C4     1 
ATOM   603 O O4     . DT  B 2 8  ? 2.288   -2.101  -6.942  1.00 0.02 ? 19 DT  B O4     1 
ATOM   604 C C5     . DT  B 2 8  ? 1.928   0.152   -7.616  1.00 0.02 ? 19 DT  B C5     1 
ATOM   605 C C7     . DT  B 2 8  ? 0.641   -0.153  -8.374  1.00 0.03 ? 19 DT  B C7     1 
ATOM   606 C C6     . DT  B 2 8  ? 2.397   1.417   -7.577  1.00 0.02 ? 19 DT  B C6     1 
ATOM   607 H "H5'"  . DT  B 2 8  ? 0.774   4.576   -6.372  1.00 0.06 ? 19 DT  B "H5'"  1 
ATOM   608 H "H5''" . DT  B 2 8  ? 0.935   6.054   -7.339  1.00 0.08 ? 19 DT  B "H5''" 1 
ATOM   609 H "H4'"  . DT  B 2 8  ? 2.992   5.978   -6.266  1.00 0.05 ? 19 DT  B "H4'"  1 
ATOM   610 H "H3'"  . DT  B 2 8  ? 3.059   5.415   -8.970  1.00 0.04 ? 19 DT  B "H3'"  1 
ATOM   611 H "H2'"  . DT  B 2 8  ? 3.419   3.200   -8.960  1.00 0.02 ? 19 DT  B "H2'"  1 
ATOM   612 H "H2''" . DT  B 2 8  ? 5.122   3.677   -8.694  1.00 0.02 ? 19 DT  B "H2''" 1 
ATOM   613 H "H1'"  . DT  B 2 8  ? 5.059   3.115   -6.465  1.00 0.03 ? 19 DT  B "H1'"  1 
ATOM   614 H H3     . DT  B 2 8  ? 4.327   -1.247  -5.845  1.00 0.02 ? 19 DT  B H3     1 
ATOM   615 H H71    . DT  B 2 8  ? 0.578   -1.223  -8.568  1.00 0.04 ? 19 DT  B H71    1 
ATOM   616 H H72    . DT  B 2 8  ? 0.637   0.389   -9.320  1.00 0.09 ? 19 DT  B H72    1 
ATOM   617 H H73    . DT  B 2 8  ? -0.213  0.157   -7.776  1.00 0.08 ? 19 DT  B H73    1 
ATOM   618 H H6     . DT  B 2 8  ? 1.828   2.223   -8.052  1.00 0.03 ? 19 DT  B H6     1 
ATOM   619 P P      . DC  B 2 9  ? 5.889   6.218   -9.060  1.00 0.03 ? 20 DC  B P      1 
ATOM   620 O OP1    . DC  B 2 9  ? 5.932   7.649   -9.424  1.00 0.04 ? 20 DC  B OP1    1 
ATOM   621 O OP2    . DC  B 2 9  ? 5.689   5.197   -10.116 1.00 0.03 ? 20 DC  B OP2    1 
ATOM   622 O "O5'"  . DC  B 2 9  ? 7.255   5.848   -8.289  1.00 0.02 ? 20 DC  B "O5'"  1 
ATOM   623 C "C5'"  . DC  B 2 9  ? 7.305   4.835   -7.273  1.00 0.02 ? 20 DC  B "C5'"  1 
ATOM   624 C "C4'"  . DC  B 2 9  ? 8.634   4.096   -7.341  1.00 0.02 ? 20 DC  B "C4'"  1 
ATOM   625 O "O4'"  . DC  B 2 9  ? 8.520   2.767   -6.789  1.00 0.02 ? 20 DC  B "O4'"  1 
ATOM   626 C "C3'"  . DC  B 2 9  ? 9.050   3.952   -8.793  1.00 0.02 ? 20 DC  B "C3'"  1 
ATOM   627 O "O3'"  . DC  B 2 9  ? 10.161  4.801   -9.110  1.00 0.03 ? 20 DC  B "O3'"  1 
ATOM   628 C "C2'"  . DC  B 2 9  ? 9.373   2.507   -9.002  1.00 0.02 ? 20 DC  B "C2'"  1 
ATOM   629 C "C1'"  . DC  B 2 9  ? 8.800   1.792   -7.817  1.00 0.02 ? 20 DC  B "C1'"  1 
ATOM   630 N N1     . DC  B 2 9  ? 7.581   1.049   -8.209  1.00 0.02 ? 20 DC  B N1     1 
ATOM   631 C C2     . DC  B 2 9  ? 7.460   -0.274  -7.798  1.00 0.02 ? 20 DC  B C2     1 
ATOM   632 O O2     . DC  B 2 9  ? 8.334   -0.794  -7.105  1.00 0.02 ? 20 DC  B O2     1 
ATOM   633 N N3     . DC  B 2 9  ? 6.356   -0.969  -8.186  1.00 0.02 ? 20 DC  B N3     1 
ATOM   634 C C4     . DC  B 2 9  ? 5.410   -0.397  -8.942  1.00 0.02 ? 20 DC  B C4     1 
ATOM   635 N N4     . DC  B 2 9  ? 4.340   -1.108  -9.302  1.00 0.02 ? 20 DC  B N4     1 
ATOM   636 C C5     . DC  B 2 9  ? 5.529   0.962   -9.363  1.00 0.01 ? 20 DC  B C5     1 
ATOM   637 C C6     . DC  B 2 9  ? 6.623   1.642   -8.976  1.00 0.01 ? 20 DC  B C6     1 
ATOM   638 H "H5'"  . DC  B 2 9  ? 6.499   4.124   -7.434  1.00 0.02 ? 20 DC  B "H5'"  1 
ATOM   639 H "H5''" . DC  B 2 9  ? 7.191   5.288   -6.288  1.00 0.02 ? 20 DC  B "H5''" 1 
ATOM   640 H "H4'"  . DC  B 2 9  ? 9.395   4.653   -6.793  1.00 0.02 ? 20 DC  B "H4'"  1 
ATOM   641 H "H3'"  . DC  B 2 9  ? 8.206   4.201   -9.424  1.00 0.02 ? 20 DC  B "H3'"  1 
ATOM   642 H "H2'"  . DC  B 2 9  ? 8.897   2.139   -9.895  1.00 0.02 ? 20 DC  B "H2'"  1 
ATOM   643 H "H2''" . DC  B 2 9  ? 10.452  2.363   -9.053  1.00 0.03 ? 20 DC  B "H2''" 1 
ATOM   644 H "H1'"  . DC  B 2 9  ? 9.535   1.102   -7.473  1.00 0.02 ? 20 DC  B "H1'"  1 
ATOM   645 H H41    . DC  B 2 9  ? 4.250   -2.070  -9.007  1.00 0.02 ? 20 DC  B H41    1 
ATOM   646 H H42    . DC  B 2 9  ? 3.619   -0.684  -9.868  1.00 0.02 ? 20 DC  B H42    1 
ATOM   647 H H5     . DC  B 2 9  ? 4.759   1.434   -9.974  1.00 0.02 ? 20 DC  B H5     1 
ATOM   648 H H6     . DC  B 2 9  ? 6.757   2.677   -9.288  1.00 0.02 ? 20 DC  B H6     1 
ATOM   649 P P      . DC  B 2 10 ? 10.878  4.733   -10.555 1.00 0.03 ? 21 DC  B P      1 
ATOM   650 O OP1    . DC  B 2 10 ? 11.659  5.975   -10.748 1.00 0.06 ? 21 DC  B OP1    1 
ATOM   651 O OP2    . DC  B 2 10 ? 9.866   4.334   -11.561 1.00 0.05 ? 21 DC  B OP2    1 
ATOM   652 O "O5'"  . DC  B 2 10 ? 11.907  3.511   -10.364 1.00 0.05 ? 21 DC  B "O5'"  1 
ATOM   653 C "C5'"  . DC  B 2 10 ? 12.741  3.458   -9.203  1.00 0.05 ? 21 DC  B "C5'"  1 
ATOM   654 C "C4'"  . DC  B 2 10 ? 13.182  2.033   -8.882  1.00 0.04 ? 21 DC  B "C4'"  1 
ATOM   655 O "O4'"  . DC  B 2 10 ? 12.037  1.156   -8.820  1.00 0.06 ? 21 DC  B "O4'"  1 
ATOM   656 C "C3'"  . DC  B 2 10 ? 14.121  1.487   -9.947  1.00 0.04 ? 21 DC  B "C3'"  1 
ATOM   657 O "O3'"  . DC  B 2 10 ? 15.195  0.762   -9.324  1.00 0.08 ? 21 DC  B "O3'"  1 
ATOM   658 C "C2'"  . DC  B 2 10 ? 13.262  0.579   -10.794 1.00 0.05 ? 21 DC  B "C2'"  1 
ATOM   659 C "C1'"  . DC  B 2 10 ? 12.123  0.166   -9.867  1.00 0.05 ? 21 DC  B "C1'"  1 
ATOM   660 N N1     . DC  B 2 10 ? 10.834  0.050   -10.594 1.00 0.04 ? 21 DC  B N1     1 
ATOM   661 C C2     . DC  B 2 10 ? 10.127  -1.143  -10.465 1.00 0.06 ? 21 DC  B C2     1 
ATOM   662 O O2     . DC  B 2 10 ? 10.558  -2.052  -9.756  1.00 0.07 ? 21 DC  B O2     1 
ATOM   663 N N3     . DC  B 2 10 ? 8.946   -1.269  -11.131 1.00 0.06 ? 21 DC  B N3     1 
ATOM   664 C C4     . DC  B 2 10 ? 8.474   -0.274  -11.893 1.00 0.04 ? 21 DC  B C4     1 
ATOM   665 N N4     . DC  B 2 10 ? 7.310   -0.431  -12.525 1.00 0.05 ? 21 DC  B N4     1 
ATOM   666 C C5     . DC  B 2 10 ? 9.193   0.953   -12.031 1.00 0.03 ? 21 DC  B C5     1 
ATOM   667 C C6     . DC  B 2 10 ? 10.363  1.075   -11.366 1.00 0.03 ? 21 DC  B C6     1 
ATOM   668 H "H5'"  . DC  B 2 10 ? 12.180  3.847   -8.358  1.00 0.07 ? 21 DC  B "H5'"  1 
ATOM   669 H "H5''" . DC  B 2 10 ? 13.622  4.080   -9.365  1.00 0.07 ? 21 DC  B "H5''" 1 
ATOM   670 H "H4'"  . DC  B 2 10 ? 13.688  2.022   -7.917  1.00 0.05 ? 21 DC  B "H4'"  1 
ATOM   671 H "H3'"  . DC  B 2 10 ? 14.524  2.305   -10.551 1.00 0.06 ? 21 DC  B "H3'"  1 
ATOM   672 H "H2'"  . DC  B 2 10 ? 12.874  1.125   -11.653 1.00 0.06 ? 21 DC  B "H2'"  1 
ATOM   673 H "H2''" . DC  B 2 10 ? 13.825  -0.292  -11.123 1.00 0.07 ? 21 DC  B "H2''" 1 
ATOM   674 H "H1'"  . DC  B 2 10 ? 12.365  -0.798  -9.419  1.00 0.07 ? 21 DC  B "H1'"  1 
ATOM   675 H H41    . DC  B 2 10 ? 6.796   -1.295  -12.432 1.00 0.07 ? 21 DC  B H41    1 
ATOM   676 H H42    . DC  B 2 10 ? 6.941   0.316   -13.095 1.00 0.06 ? 21 DC  B H42    1 
ATOM   677 H H5     . DC  B 2 10 ? 8.807   1.763   -12.655 1.00 0.05 ? 21 DC  B H5     1 
ATOM   678 H H6     . DC  B 2 10 ? 10.922  2.011   -11.419 1.00 0.04 ? 21 DC  B H6     1 
ATOM   679 P P      . DG  B 2 11 ? 16.319  -0.017  -10.183 1.00 0.08 ? 22 DG  B P      1 
ATOM   680 O OP1    . DG  B 2 11 ? 17.648  0.473   -9.756  1.00 0.14 ? 22 DG  B OP1    1 
ATOM   681 O OP2    . DG  B 2 11 ? 15.941  0.031   -11.614 1.00 0.11 ? 22 DG  B OP2    1 
ATOM   682 O "O5'"  . DG  B 2 11 ? 16.150  -1.537  -9.669  1.00 0.12 ? 22 DG  B "O5'"  1 
ATOM   683 C "C5'"  . DG  B 2 11 ? 16.340  -1.860  -8.285  1.00 0.10 ? 22 DG  B "C5'"  1 
ATOM   684 C "C4'"  . DG  B 2 11 ? 16.050  -3.334  -7.986  1.00 0.12 ? 22 DG  B "C4'"  1 
ATOM   685 O "O4'"  . DG  B 2 11 ? 14.629  -3.581  -7.926  1.00 0.19 ? 22 DG  B "O4'"  1 
ATOM   686 C "C3'"  . DG  B 2 11 ? 16.634  -4.236  -9.065  1.00 0.12 ? 22 DG  B "C3'"  1 
ATOM   687 O "O3'"  . DG  B 2 11 ? 17.797  -4.924  -8.594  1.00 0.19 ? 22 DG  B "O3'"  1 
ATOM   688 C "C2'"  . DG  B 2 11 ? 15.535  -5.205  -9.424  1.00 0.16 ? 22 DG  B "C2'"  1 
ATOM   689 C "C1'"  . DG  B 2 11 ? 14.256  -4.552  -8.926  1.00 0.16 ? 22 DG  B "C1'"  1 
ATOM   690 N N9     . DG  B 2 11 ? 13.546  -3.898  -10.031 1.00 0.23 ? 22 DG  B N9     1 
ATOM   691 C C8     . DG  B 2 11 ? 13.751  -2.674  -10.553 1.00 0.16 ? 22 DG  B C8     1 
ATOM   692 N N7     . DG  B 2 11 ? 12.999  -2.303  -11.534 1.00 0.27 ? 22 DG  B N7     1 
ATOM   693 C C5     . DG  B 2 11 ? 12.176  -3.421  -11.696 1.00 0.24 ? 22 DG  B C5     1 
ATOM   694 C C6     . DG  B 2 11 ? 11.094  -3.631  -12.592 1.00 0.28 ? 22 DG  B C6     1 
ATOM   695 O O6     . DG  B 2 11 ? 10.665  -2.874  -13.461 1.00 0.38 ? 22 DG  B O6     1 
ATOM   696 N N1     . DG  B 2 11 ? 10.501  -4.872  -12.390 1.00 0.28 ? 22 DG  B N1     1 
ATOM   697 C C2     . DG  B 2 11 ? 10.897  -5.799  -11.447 1.00 0.30 ? 22 DG  B C2     1 
ATOM   698 N N2     . DG  B 2 11 ? 10.205  -6.937  -11.409 1.00 0.24 ? 22 DG  B N2     1 
ATOM   699 N N3     . DG  B 2 11 ? 11.913  -5.609  -10.600 1.00 0.21 ? 22 DG  B N3     1 
ATOM   700 C C4     . DG  B 2 11 ? 12.506  -4.407  -10.777 1.00 0.27 ? 22 DG  B C4     1 
ATOM   701 H "H5'"  . DG  B 2 11 ? 15.667  -1.244  -7.691  1.00 0.15 ? 22 DG  B "H5'"  1 
ATOM   702 H "H5''" . DG  B 2 11 ? 17.370  -1.637  -8.007  1.00 0.13 ? 22 DG  B "H5''" 1 
ATOM   703 H "H4'"  . DG  B 2 11 ? 16.496  -3.598  -7.022  1.00 0.18 ? 22 DG  B "H4'"  1 
ATOM   704 H "H3'"  . DG  B 2 11 ? 16.884  -3.636  -9.944  1.00 0.16 ? 22 DG  B "H3'"  1 
ATOM   705 H "HO3'" . DG  B 2 11 ? 18.492  -4.289  -8.406  1.00 0.26 ? 22 DG  B "HO3'" 1 
ATOM   706 H "H2'"  . DG  B 2 11 ? 15.495  -5.373  -10.501 1.00 0.28 ? 22 DG  B "H2'"  1 
ATOM   707 H "H2''" . DG  B 2 11 ? 15.690  -6.136  -8.907  1.00 0.22 ? 22 DG  B "H2''" 1 
ATOM   708 H "H1'"  . DG  B 2 11 ? 13.611  -5.307  -8.478  1.00 0.17 ? 22 DG  B "H1'"  1 
ATOM   709 H H8     . DG  B 2 11 ? 14.528  -2.025  -10.152 1.00 0.22 ? 22 DG  B H8     1 
ATOM   710 H H1     . DG  B 2 11 ? 9.721   -5.091  -12.992 1.00 0.36 ? 22 DG  B H1     1 
ATOM   711 H H21    . DG  B 2 11 ? 9.436   -7.082  -12.049 1.00 0.32 ? 22 DG  B H21    1 
ATOM   712 H H22    . DG  B 2 11 ? 10.448  -7.656  -10.744 1.00 0.33 ? 22 DG  B H22    1 
# 
